data_2RJF
#
_entry.id   2RJF
#
_cell.length_a   90.458
_cell.length_b   117.809
_cell.length_c   132.316
_cell.angle_alpha   90.00
_cell.angle_beta   90.00
_cell.angle_gamma   90.00
#
_symmetry.space_group_name_H-M   'P 21 21 21'
#
loop_
_entity.id
_entity.type
_entity.pdbx_description
1 polymer 'Lethal(3)malignant brain tumor-like protein'
2 polymer 'Histone H4'
3 water water
#
loop_
_entity_poly.entity_id
_entity_poly.type
_entity_poly.pdbx_seq_one_letter_code
_entity_poly.pdbx_strand_id
1 'polypeptide(L)'
;GEKKECWSWESYLEEQKAITAPVSLFQDSQAVTHNKNGFKLGMKLEGIDPQHPSMYFILTVAEVCGYRLRLHFDGYSECH
DFWVNANSPDIHPAGWFEKTGHKLQPPKGYKEEEFSWSQYLRSTRAQAAPKHLFVSQSHSPPPLGFQVGMKLEAVDRMNP
SLVCVASVTDVVDSRFLVHFDNWDDTYDYWCDPSSPYIHPVGWCQKQGKPLTPPQDYPDPDNFCWEKYLEETGASAVPTW
AFKVRPPHSFLVNMKLEAVDRRNPALIRVASVEDVEDHRIKIHFDGWSHGYDFWIDADHPDIHPAGWCSKTGHPLQPPLG
PREPSSASPGG
;
A,C,E
2 'polypeptide(L)' YKGGAKRHR(MLY)VLRDNIQGIT B,D
#
# COMPACT_ATOMS: atom_id res chain seq x y z
N TRP A 7 -23.08 -15.89 -67.67
CA TRP A 7 -22.76 -14.65 -66.88
C TRP A 7 -21.62 -13.86 -67.46
N SER A 8 -21.83 -12.53 -67.60
CA SER A 8 -20.73 -11.60 -67.91
C SER A 8 -20.82 -10.23 -67.19
N TRP A 9 -19.69 -9.57 -67.06
CA TRP A 9 -19.60 -8.23 -66.50
C TRP A 9 -20.46 -7.22 -67.29
N GLU A 10 -20.45 -7.34 -68.62
CA GLU A 10 -21.17 -6.43 -69.53
C GLU A 10 -22.66 -6.59 -69.28
N SER A 11 -23.06 -7.83 -69.05
CA SER A 11 -24.48 -8.18 -68.89
C SER A 11 -24.98 -7.62 -67.54
N TYR A 12 -24.18 -7.90 -66.50
CA TYR A 12 -24.38 -7.47 -65.12
C TYR A 12 -24.40 -5.96 -64.96
N LEU A 13 -23.37 -5.28 -65.47
CA LEU A 13 -23.33 -3.81 -65.46
C LEU A 13 -24.56 -3.18 -66.07
N GLU A 14 -25.02 -3.78 -67.18
CA GLU A 14 -26.27 -3.35 -67.80
C GLU A 14 -27.53 -3.53 -66.90
N GLU A 15 -27.72 -4.70 -66.25
CA GLU A 15 -28.89 -4.85 -65.33
C GLU A 15 -28.80 -3.90 -64.11
N GLN A 16 -27.60 -3.67 -63.60
CA GLN A 16 -27.44 -2.85 -62.38
C GLN A 16 -27.36 -1.34 -62.69
N LYS A 17 -27.37 -1.03 -64.00
CA LYS A 17 -26.91 0.25 -64.49
C LYS A 17 -25.68 0.70 -63.66
N ALA A 18 -24.65 -0.15 -63.61
CA ALA A 18 -23.49 0.17 -62.76
C ALA A 18 -22.21 0.43 -63.54
N ILE A 19 -21.19 0.95 -62.85
CA ILE A 19 -19.83 1.08 -63.41
C ILE A 19 -18.74 0.36 -62.60
N THR A 20 -17.67 -0.03 -63.30
CA THR A 20 -16.49 -0.63 -62.68
C THR A 20 -15.51 0.45 -62.32
N ALA A 21 -14.85 0.28 -61.17
CA ALA A 21 -13.63 1.11 -60.82
C ALA A 21 -12.63 1.06 -61.96
N PRO A 22 -12.29 2.22 -62.55
CA PRO A 22 -11.31 2.25 -63.67
C PRO A 22 -9.94 1.72 -63.28
N VAL A 23 -9.30 0.96 -64.19
CA VAL A 23 -7.95 0.49 -64.07
C VAL A 23 -6.97 1.56 -63.52
N SER A 24 -7.14 2.84 -63.86
CA SER A 24 -6.14 3.87 -63.40
C SER A 24 -6.25 4.10 -61.87
N LEU A 25 -7.26 3.56 -61.20
CA LEU A 25 -7.34 3.71 -59.73
C LEU A 25 -6.46 2.71 -59.00
N PHE A 26 -6.03 1.66 -59.69
CA PHE A 26 -5.25 0.58 -59.07
C PHE A 26 -3.74 0.78 -59.28
N GLN A 27 -2.92 0.19 -58.39
CA GLN A 27 -1.48 0.10 -58.62
C GLN A 27 -1.26 -0.79 -59.85
N ASP A 28 -0.22 -0.51 -60.65
CA ASP A 28 0.14 -1.41 -61.75
C ASP A 28 0.19 -2.91 -61.33
N SER A 29 0.80 -3.24 -60.18
CA SER A 29 0.86 -4.63 -59.70
C SER A 29 -0.53 -5.29 -59.42
N GLN A 30 -1.53 -4.51 -59.03
CA GLN A 30 -2.90 -5.03 -58.89
C GLN A 30 -3.63 -5.22 -60.24
N ALA A 31 -3.21 -4.49 -61.27
CA ALA A 31 -3.95 -4.37 -62.52
C ALA A 31 -3.37 -5.33 -63.56
N VAL A 32 -2.07 -5.61 -63.50
CA VAL A 32 -1.35 -6.32 -64.58
C VAL A 32 -1.94 -7.75 -64.80
N THR A 33 -2.23 -8.05 -66.05
CA THR A 33 -2.87 -9.28 -66.43
C THR A 33 -2.08 -10.01 -67.54
N HIS A 34 -1.10 -9.38 -68.16
CA HIS A 34 -0.43 -10.01 -69.28
C HIS A 34 0.90 -10.80 -68.94
N ASN A 35 1.30 -10.86 -67.66
CA ASN A 35 2.42 -11.71 -67.25
C ASN A 35 1.91 -13.11 -67.05
N LYS A 36 2.64 -14.08 -67.55
CA LYS A 36 2.29 -15.48 -67.31
C LYS A 36 2.76 -15.94 -65.93
N ASN A 37 2.05 -16.91 -65.37
CA ASN A 37 2.40 -17.56 -64.15
C ASN A 37 3.33 -18.72 -64.46
N GLY A 38 4.59 -18.56 -64.09
CA GLY A 38 5.64 -19.56 -64.34
C GLY A 38 5.77 -20.56 -63.23
N PHE A 39 5.07 -20.38 -62.11
CA PHE A 39 5.14 -21.35 -60.97
C PHE A 39 4.42 -22.65 -61.23
N LYS A 40 5.01 -23.74 -60.75
CA LYS A 40 4.57 -25.07 -61.10
C LYS A 40 4.37 -25.83 -59.81
N LEU A 41 3.37 -26.70 -59.79
CA LEU A 41 3.15 -27.62 -58.68
C LEU A 41 4.45 -28.29 -58.19
N GLY A 42 4.71 -28.19 -56.89
CA GLY A 42 5.81 -28.85 -56.23
C GLY A 42 7.11 -28.08 -56.19
N MET A 43 7.19 -26.94 -56.87
CA MET A 43 8.34 -26.03 -56.75
C MET A 43 8.48 -25.54 -55.32
N LYS A 44 9.74 -25.50 -54.88
CA LYS A 44 10.07 -25.05 -53.53
C LYS A 44 10.63 -23.64 -53.56
N LEU A 45 10.40 -22.88 -52.48
CA LEU A 45 10.89 -21.51 -52.40
C LEU A 45 10.91 -21.11 -50.93
N GLU A 46 11.30 -19.85 -50.67
CA GLU A 46 11.29 -19.23 -49.34
C GLU A 46 10.28 -18.03 -49.25
N GLY A 47 9.62 -17.86 -48.14
CA GLY A 47 8.67 -16.75 -48.11
C GLY A 47 8.32 -16.38 -46.68
N ILE A 48 7.73 -15.19 -46.55
CA ILE A 48 7.29 -14.67 -45.29
C ILE A 48 6.07 -15.48 -44.83
N ASP A 49 6.01 -15.74 -43.55
CA ASP A 49 4.80 -16.25 -42.91
C ASP A 49 3.79 -15.07 -42.75
N PRO A 50 2.61 -15.11 -43.43
CA PRO A 50 1.70 -14.00 -43.18
C PRO A 50 1.28 -13.79 -41.71
N GLN A 51 1.30 -14.82 -40.87
CA GLN A 51 0.91 -14.71 -39.47
C GLN A 51 2.12 -14.33 -38.58
N HIS A 52 3.35 -14.38 -39.12
CA HIS A 52 4.55 -13.89 -38.44
C HIS A 52 5.43 -13.18 -39.50
N PRO A 53 5.11 -11.92 -39.85
CA PRO A 53 5.68 -11.22 -41.00
C PRO A 53 7.18 -11.01 -40.99
N SER A 54 7.81 -11.22 -39.84
CA SER A 54 9.29 -11.15 -39.74
C SER A 54 10.04 -12.44 -40.08
N MET A 55 9.31 -13.56 -40.19
CA MET A 55 9.95 -14.87 -40.31
C MET A 55 9.82 -15.47 -41.70
N TYR A 56 10.82 -16.27 -42.11
CA TYR A 56 10.83 -16.89 -43.46
C TYR A 56 10.84 -18.38 -43.29
N PHE A 57 10.07 -19.04 -44.13
CA PHE A 57 9.93 -20.46 -44.15
C PHE A 57 10.13 -21.01 -45.55
N ILE A 58 10.41 -22.30 -45.59
CA ILE A 58 10.42 -23.10 -46.80
C ILE A 58 8.97 -23.41 -47.21
N LEU A 59 8.60 -23.02 -48.42
CA LEU A 59 7.23 -23.14 -48.90
C LEU A 59 7.17 -23.96 -50.20
N THR A 60 6.08 -24.71 -50.42
CA THR A 60 5.92 -25.44 -51.65
C THR A 60 4.64 -24.97 -52.36
N VAL A 61 4.68 -24.92 -53.69
CA VAL A 61 3.51 -24.58 -54.52
C VAL A 61 2.52 -25.77 -54.47
N ALA A 62 1.36 -25.56 -53.84
CA ALA A 62 0.43 -26.63 -53.63
C ALA A 62 -0.67 -26.63 -54.72
N GLU A 63 -0.91 -25.44 -55.30
CA GLU A 63 -1.98 -25.24 -56.30
C GLU A 63 -1.63 -23.95 -57.10
N VAL A 64 -2.04 -23.90 -58.38
CA VAL A 64 -1.90 -22.69 -59.17
C VAL A 64 -3.26 -22.41 -59.76
N CYS A 65 -3.73 -21.16 -59.64
CA CYS A 65 -4.97 -20.78 -60.28
C CYS A 65 -4.83 -19.41 -60.93
N GLY A 66 -4.76 -19.38 -62.26
CA GLY A 66 -4.54 -18.15 -63.03
C GLY A 66 -3.18 -17.55 -62.59
N TYR A 67 -3.19 -16.33 -62.07
CA TYR A 67 -1.96 -15.64 -61.70
C TYR A 67 -1.72 -15.74 -60.20
N ARG A 68 -2.41 -16.68 -59.55
CA ARG A 68 -2.30 -16.88 -58.09
C ARG A 68 -1.75 -18.28 -57.83
N LEU A 69 -1.16 -18.45 -56.67
CA LEU A 69 -0.65 -19.73 -56.24
C LEU A 69 -0.93 -19.94 -54.76
N ARG A 70 -1.16 -21.20 -54.39
CA ARG A 70 -1.34 -21.54 -53.01
C ARG A 70 -0.02 -22.14 -52.48
N LEU A 71 0.41 -21.70 -51.30
CA LEU A 71 1.70 -22.13 -50.75
C LEU A 71 1.51 -22.94 -49.48
N HIS A 72 2.31 -23.99 -49.28
CA HIS A 72 2.19 -24.86 -48.17
C HIS A 72 3.52 -24.76 -47.41
N PHE A 73 3.45 -24.69 -46.09
CA PHE A 73 4.65 -24.72 -45.25
C PHE A 73 5.08 -26.17 -45.06
N ASP A 74 6.22 -26.51 -45.62
CA ASP A 74 6.85 -27.83 -45.52
C ASP A 74 7.00 -28.30 -44.07
N GLY A 75 6.43 -29.46 -43.75
CA GLY A 75 6.54 -30.05 -42.41
C GLY A 75 5.35 -29.72 -41.52
N TYR A 76 4.59 -28.67 -41.87
CA TYR A 76 3.48 -28.19 -41.07
C TYR A 76 2.13 -28.57 -41.70
N SER A 77 1.06 -28.34 -40.96
CA SER A 77 -0.31 -28.64 -41.41
C SER A 77 -0.77 -27.82 -42.64
N GLU A 78 -1.54 -28.45 -43.53
CA GLU A 78 -2.12 -27.76 -44.67
C GLU A 78 -3.13 -26.69 -44.26
N CYS A 79 -3.55 -26.69 -42.99
CA CYS A 79 -4.46 -25.67 -42.55
C CYS A 79 -3.79 -24.28 -42.53
N HIS A 80 -2.45 -24.23 -42.64
CA HIS A 80 -1.76 -22.96 -42.72
C HIS A 80 -1.50 -22.46 -44.17
N ASP A 81 -1.98 -23.17 -45.19
CA ASP A 81 -1.70 -22.77 -46.56
C ASP A 81 -2.26 -21.40 -46.85
N PHE A 82 -1.70 -20.67 -47.81
CA PHE A 82 -2.15 -19.34 -48.10
C PHE A 82 -1.91 -19.05 -49.55
N TRP A 83 -2.64 -18.06 -50.07
CA TRP A 83 -2.55 -17.69 -51.48
C TRP A 83 -1.84 -16.37 -51.63
N VAL A 84 -0.99 -16.30 -52.64
CA VAL A 84 -0.30 -15.05 -53.08
C VAL A 84 -0.45 -14.95 -54.62
N ASN A 85 -0.26 -13.76 -55.14
CA ASN A 85 -0.07 -13.61 -56.55
C ASN A 85 1.32 -13.93 -56.99
N ALA A 86 1.49 -14.23 -58.28
CA ALA A 86 2.81 -14.62 -58.81
C ALA A 86 3.85 -13.47 -58.86
N ASN A 87 3.37 -12.21 -58.78
CA ASN A 87 4.21 -11.03 -58.65
C ASN A 87 4.33 -10.59 -57.17
N SER A 88 4.02 -11.47 -56.22
CA SER A 88 4.22 -11.15 -54.80
C SER A 88 5.70 -10.82 -54.50
N PRO A 89 5.99 -9.73 -53.71
CA PRO A 89 7.30 -9.46 -53.19
C PRO A 89 7.70 -10.25 -51.91
N ASP A 90 6.80 -11.09 -51.38
CA ASP A 90 6.97 -11.73 -50.08
C ASP A 90 7.49 -13.19 -50.24
N ILE A 91 7.87 -13.56 -51.46
CA ILE A 91 8.43 -14.87 -51.81
C ILE A 91 9.77 -14.60 -52.48
N HIS A 92 10.73 -15.45 -52.17
CA HIS A 92 12.15 -15.42 -52.70
C HIS A 92 12.67 -16.79 -53.13
N PRO A 93 13.65 -16.82 -54.08
CA PRO A 93 14.16 -18.11 -54.55
C PRO A 93 14.97 -18.85 -53.45
N ALA A 94 14.95 -20.17 -53.48
CA ALA A 94 15.84 -20.99 -52.62
C ALA A 94 17.29 -20.43 -52.60
N GLY A 95 17.84 -20.21 -51.40
CA GLY A 95 19.23 -19.79 -51.26
C GLY A 95 19.28 -18.31 -50.96
N TRP A 96 18.15 -17.58 -51.10
CA TRP A 96 18.11 -16.12 -50.88
C TRP A 96 18.48 -15.73 -49.41
N PHE A 97 17.97 -16.46 -48.41
CA PHE A 97 18.16 -16.09 -47.01
C PHE A 97 19.68 -15.96 -46.69
N GLU A 98 20.50 -16.84 -47.25
CA GLU A 98 21.90 -17.00 -46.88
C GLU A 98 22.74 -15.94 -47.57
N LYS A 99 22.24 -15.39 -48.65
CA LYS A 99 22.99 -14.42 -49.43
C LYS A 99 22.61 -13.04 -49.02
N THR A 100 21.60 -12.92 -48.15
CA THR A 100 20.98 -11.62 -47.85
C THR A 100 20.87 -11.30 -46.35
N GLY A 101 21.30 -12.21 -45.47
CA GLY A 101 21.35 -11.93 -44.05
C GLY A 101 20.02 -12.19 -43.35
N HIS A 102 19.23 -13.13 -43.89
CA HIS A 102 17.97 -13.50 -43.26
C HIS A 102 17.99 -14.89 -42.64
N LYS A 103 17.22 -15.08 -41.57
CA LYS A 103 17.07 -16.37 -40.93
C LYS A 103 15.98 -17.19 -41.59
N LEU A 104 16.27 -18.44 -41.91
CA LEU A 104 15.23 -19.35 -42.38
C LEU A 104 14.81 -20.29 -41.29
N GLN A 105 13.51 -20.37 -41.05
CA GLN A 105 12.97 -21.41 -40.17
C GLN A 105 12.93 -22.73 -40.95
N PRO A 106 13.60 -23.78 -40.44
CA PRO A 106 13.59 -24.98 -41.29
C PRO A 106 12.21 -25.77 -41.29
N PRO A 107 12.05 -26.80 -42.16
CA PRO A 107 10.84 -27.59 -42.10
C PRO A 107 10.63 -28.15 -40.69
N LYS A 108 9.38 -28.40 -40.32
CA LYS A 108 9.09 -28.81 -38.94
C LYS A 108 9.96 -30.04 -38.56
N GLY A 109 10.63 -30.00 -37.41
CA GLY A 109 11.41 -31.15 -36.97
C GLY A 109 12.91 -31.05 -37.27
N TYR A 110 13.34 -30.15 -38.18
CA TYR A 110 14.76 -29.90 -38.43
C TYR A 110 15.31 -28.86 -37.40
N LYS A 111 16.59 -29.01 -37.06
CA LYS A 111 17.35 -27.93 -36.44
C LYS A 111 17.87 -27.01 -37.55
N GLU A 112 17.85 -25.71 -37.29
CA GLU A 112 18.49 -24.72 -38.16
C GLU A 112 19.97 -24.95 -37.81
N GLU A 113 20.76 -25.15 -38.87
CA GLU A 113 22.18 -25.56 -38.83
C GLU A 113 22.32 -26.91 -39.52
N GLU A 114 21.29 -27.75 -39.39
CA GLU A 114 21.28 -29.06 -40.05
C GLU A 114 20.42 -29.06 -41.33
N PHE A 115 19.86 -27.90 -41.67
CA PHE A 115 19.18 -27.77 -42.97
C PHE A 115 20.11 -27.16 -44.04
N SER A 116 20.20 -27.82 -45.18
CA SER A 116 20.74 -27.16 -46.37
C SER A 116 19.81 -27.43 -47.54
N TRP A 117 19.69 -26.46 -48.44
CA TRP A 117 18.87 -26.64 -49.62
C TRP A 117 19.30 -27.81 -50.48
N SER A 118 20.59 -27.99 -50.72
CA SER A 118 20.97 -29.00 -51.67
C SER A 118 20.73 -30.42 -51.15
N GLN A 119 20.89 -30.64 -49.84
CA GLN A 119 20.58 -31.89 -49.21
C GLN A 119 19.06 -32.08 -49.16
N TYR A 120 18.32 -31.00 -48.92
CA TYR A 120 16.87 -31.09 -48.87
C TYR A 120 16.23 -31.38 -50.24
N LEU A 121 16.75 -30.77 -51.31
CA LEU A 121 16.29 -31.09 -52.66
C LEU A 121 16.57 -32.52 -53.05
N ARG A 122 17.70 -33.06 -52.58
CA ARG A 122 18.10 -34.43 -52.81
C ARG A 122 17.13 -35.37 -52.07
N SER A 123 16.83 -35.07 -50.81
CA SER A 123 15.89 -35.89 -49.96
C SER A 123 14.45 -35.96 -50.51
N THR A 124 13.93 -34.81 -50.91
CA THR A 124 12.59 -34.71 -51.44
C THR A 124 12.52 -34.99 -52.96
N ARG A 125 13.66 -35.04 -53.66
CA ARG A 125 13.69 -35.03 -55.14
C ARG A 125 12.86 -33.92 -55.86
N ALA A 126 12.83 -32.74 -55.28
CA ALA A 126 12.07 -31.61 -55.74
C ALA A 126 12.95 -30.58 -56.45
N GLN A 127 12.30 -29.65 -57.15
CA GLN A 127 12.97 -28.59 -57.88
C GLN A 127 12.70 -27.26 -57.11
N ALA A 128 13.72 -26.42 -56.95
CA ALA A 128 13.55 -25.01 -56.57
C ALA A 128 12.87 -24.25 -57.71
N ALA A 129 11.85 -23.45 -57.40
CA ALA A 129 11.34 -22.44 -58.39
C ALA A 129 12.51 -21.59 -58.90
N PRO A 130 12.62 -21.44 -60.23
CA PRO A 130 13.75 -20.66 -60.82
C PRO A 130 13.72 -19.16 -60.45
N LYS A 131 14.90 -18.53 -60.37
CA LYS A 131 15.04 -17.14 -59.87
C LYS A 131 14.32 -16.12 -60.70
N HIS A 132 14.21 -16.34 -62.01
CA HIS A 132 13.62 -15.32 -62.88
C HIS A 132 12.09 -15.16 -62.61
N LEU A 133 11.47 -16.06 -61.84
CA LEU A 133 10.05 -15.92 -61.46
C LEU A 133 9.80 -14.81 -60.39
N PHE A 134 10.83 -14.41 -59.69
CA PHE A 134 10.64 -13.65 -58.43
C PHE A 134 10.79 -12.16 -58.65
N VAL A 135 9.76 -11.34 -58.34
CA VAL A 135 9.97 -9.87 -58.46
C VAL A 135 10.96 -9.34 -57.40
N SER A 136 11.09 -10.05 -56.27
CA SER A 136 11.93 -9.56 -55.16
C SER A 136 13.05 -10.53 -54.83
N GLN A 137 14.26 -10.14 -55.22
CA GLN A 137 15.47 -10.93 -54.98
C GLN A 137 16.49 -10.12 -54.22
N SER A 138 16.10 -8.96 -53.70
CA SER A 138 17.04 -8.04 -53.10
C SER A 138 18.04 -7.48 -54.13
N HIS A 139 17.66 -7.35 -55.40
CA HIS A 139 18.54 -6.68 -56.37
C HIS A 139 18.18 -5.23 -56.70
N SER A 140 17.11 -4.68 -56.15
CA SER A 140 16.62 -3.34 -56.49
C SER A 140 17.15 -2.31 -55.50
N PRO A 141 17.13 -1.00 -55.86
CA PRO A 141 17.43 0.09 -54.89
C PRO A 141 16.63 -0.05 -53.60
N PRO A 142 17.30 0.16 -52.44
CA PRO A 142 16.68 0.19 -51.09
C PRO A 142 15.74 1.39 -50.90
N PRO A 143 14.84 1.34 -49.90
CA PRO A 143 13.95 2.49 -49.61
C PRO A 143 14.84 3.60 -49.05
N LEU A 144 14.93 4.71 -49.74
CA LEU A 144 15.94 5.71 -49.44
C LEU A 144 15.72 6.31 -48.07
N GLY A 145 16.78 6.33 -47.26
CA GLY A 145 16.76 6.87 -45.92
C GLY A 145 16.44 5.86 -44.82
N PHE A 146 15.97 4.65 -45.17
CA PHE A 146 15.54 3.67 -44.14
C PHE A 146 16.61 2.56 -44.00
N GLN A 147 17.43 2.56 -42.94
CA GLN A 147 18.41 1.48 -42.73
C GLN A 147 17.97 0.64 -41.55
N VAL A 148 18.35 -0.65 -41.59
CA VAL A 148 18.22 -1.54 -40.46
C VAL A 148 18.74 -0.85 -39.21
N GLY A 149 17.94 -0.83 -38.15
CA GLY A 149 18.42 -0.36 -36.86
C GLY A 149 17.96 1.07 -36.55
N MET A 150 17.46 1.76 -37.57
CA MET A 150 16.93 3.10 -37.37
C MET A 150 15.57 3.09 -36.72
N LYS A 151 15.23 4.18 -36.05
CA LYS A 151 14.01 4.28 -35.25
C LYS A 151 13.02 5.34 -35.83
N LEU A 152 11.72 5.18 -35.55
CA LEU A 152 10.66 6.00 -36.15
C LEU A 152 9.44 5.86 -35.21
N GLU A 153 8.32 6.53 -35.50
CA GLU A 153 7.07 6.28 -34.76
C GLU A 153 6.08 5.54 -35.70
N ALA A 154 5.38 4.51 -35.21
CA ALA A 154 4.45 3.76 -36.07
C ALA A 154 3.10 3.50 -35.39
N VAL A 155 2.02 3.59 -36.17
CA VAL A 155 0.67 3.11 -35.77
C VAL A 155 0.70 1.58 -35.55
N ASP A 156 0.17 1.11 -34.42
CA ASP A 156 0.05 -0.30 -34.21
C ASP A 156 -1.25 -0.68 -34.90
N ARG A 157 -1.16 -1.38 -36.02
CA ARG A 157 -2.39 -1.74 -36.75
C ARG A 157 -3.33 -2.68 -36.03
N MET A 158 -2.84 -3.34 -35.00
CA MET A 158 -3.73 -4.15 -34.15
C MET A 158 -4.39 -3.34 -33.02
N ASN A 159 -3.83 -2.15 -32.74
CA ASN A 159 -4.35 -1.22 -31.72
C ASN A 159 -4.26 0.17 -32.30
N PRO A 160 -5.08 0.44 -33.33
CA PRO A 160 -4.81 1.60 -34.18
C PRO A 160 -4.92 3.00 -33.58
N SER A 161 -5.46 3.17 -32.37
CA SER A 161 -5.30 4.45 -31.64
C SER A 161 -3.88 4.75 -31.05
N LEU A 162 -2.96 3.81 -31.14
CA LEU A 162 -1.65 3.97 -30.49
C LEU A 162 -0.60 4.19 -31.58
N VAL A 163 0.22 5.21 -31.39
CA VAL A 163 1.43 5.44 -32.17
C VAL A 163 2.62 5.22 -31.25
N CYS A 164 3.59 4.40 -31.69
CA CYS A 164 4.54 3.78 -30.79
C CYS A 164 5.96 3.87 -31.31
N VAL A 165 6.90 3.71 -30.38
CA VAL A 165 8.30 3.69 -30.69
C VAL A 165 8.55 2.40 -31.50
N ALA A 166 9.19 2.52 -32.65
CA ALA A 166 9.35 1.40 -33.54
C ALA A 166 10.72 1.50 -34.21
N SER A 167 11.12 0.39 -34.84
CA SER A 167 12.45 0.24 -35.38
C SER A 167 12.32 -0.42 -36.74
N VAL A 168 13.21 -0.04 -37.65
CA VAL A 168 13.43 -0.77 -38.93
C VAL A 168 14.30 -1.99 -38.66
N THR A 169 13.73 -3.15 -38.85
CA THR A 169 14.48 -4.38 -38.62
C THR A 169 14.80 -5.24 -39.86
N ASP A 170 14.31 -4.84 -41.03
CA ASP A 170 14.61 -5.68 -42.21
C ASP A 170 14.38 -4.78 -43.42
N VAL A 171 15.18 -4.97 -44.45
CA VAL A 171 15.09 -4.13 -45.65
C VAL A 171 15.28 -5.06 -46.84
N VAL A 172 14.26 -5.06 -47.70
CA VAL A 172 14.24 -5.99 -48.83
C VAL A 172 13.70 -5.17 -50.01
N ASP A 173 14.59 -4.93 -50.98
CA ASP A 173 14.25 -4.14 -52.18
C ASP A 173 13.67 -2.80 -51.72
N SER A 174 12.47 -2.45 -52.19
CA SER A 174 11.86 -1.17 -51.89
C SER A 174 11.07 -1.09 -50.57
N ARG A 175 11.06 -2.17 -49.76
CA ARG A 175 10.25 -2.22 -48.55
C ARG A 175 11.09 -2.49 -47.31
N PHE A 176 10.54 -2.18 -46.14
CA PHE A 176 11.19 -2.42 -44.89
C PHE A 176 10.17 -2.92 -43.91
N LEU A 177 10.68 -3.60 -42.90
CA LEU A 177 9.86 -4.14 -41.86
C LEU A 177 9.91 -3.24 -40.61
N VAL A 178 8.72 -2.87 -40.11
CA VAL A 178 8.56 -2.09 -38.90
C VAL A 178 8.28 -3.01 -37.71
N HIS A 179 9.04 -2.84 -36.62
CA HIS A 179 8.99 -3.70 -35.45
C HIS A 179 8.69 -2.79 -34.22
N PHE A 180 7.84 -3.22 -33.29
CA PHE A 180 7.51 -2.41 -32.07
C PHE A 180 8.41 -2.84 -30.98
N ASP A 181 9.33 -1.96 -30.62
CA ASP A 181 10.35 -2.25 -29.62
C ASP A 181 9.79 -2.92 -28.34
N ASN A 182 10.38 -4.05 -27.94
CA ASN A 182 10.01 -4.88 -26.80
C ASN A 182 8.60 -5.47 -26.83
N TRP A 183 7.94 -5.46 -28.00
CA TRP A 183 6.71 -6.21 -28.11
C TRP A 183 6.98 -7.37 -29.05
N ASP A 184 6.07 -8.30 -29.05
CA ASP A 184 6.44 -9.44 -29.80
C ASP A 184 6.33 -9.23 -31.34
N ASP A 185 7.02 -10.10 -32.12
CA ASP A 185 7.18 -9.87 -33.55
C ASP A 185 5.89 -9.98 -34.39
N THR A 186 4.83 -10.52 -33.80
CA THR A 186 3.56 -10.69 -34.52
C THR A 186 2.88 -9.34 -34.77
N TYR A 187 3.36 -8.26 -34.16
CA TYR A 187 2.89 -6.91 -34.46
C TYR A 187 3.63 -6.25 -35.60
N ASP A 188 4.69 -6.88 -36.08
CA ASP A 188 5.49 -6.28 -37.17
C ASP A 188 4.73 -6.14 -38.47
N TYR A 189 5.11 -5.16 -39.31
CA TYR A 189 4.49 -5.13 -40.61
C TYR A 189 5.43 -4.48 -41.61
N TRP A 190 5.20 -4.87 -42.85
CA TRP A 190 5.99 -4.40 -44.02
C TRP A 190 5.38 -3.13 -44.57
N CYS A 191 6.26 -2.27 -45.08
CA CYS A 191 6.02 -0.86 -45.35
C CYS A 191 6.89 -0.34 -46.48
N ASP A 192 6.49 0.79 -47.04
CA ASP A 192 7.42 1.56 -47.80
C ASP A 192 7.43 3.00 -47.30
N PRO A 193 8.33 3.86 -47.86
CA PRO A 193 8.43 5.28 -47.43
C PRO A 193 7.14 6.11 -47.48
N SER A 194 6.14 5.69 -48.27
CA SER A 194 4.92 6.46 -48.43
C SER A 194 3.82 5.95 -47.47
N SER A 195 4.12 4.89 -46.72
CA SER A 195 3.09 4.36 -45.82
C SER A 195 2.48 5.44 -44.91
N PRO A 196 1.12 5.52 -44.87
CA PRO A 196 0.41 6.44 -43.99
C PRO A 196 0.57 6.14 -42.49
N TYR A 197 1.17 5.00 -42.15
CA TYR A 197 1.18 4.45 -40.75
C TYR A 197 2.45 4.74 -39.98
N ILE A 198 3.41 5.41 -40.62
CA ILE A 198 4.72 5.62 -40.03
C ILE A 198 4.99 7.12 -40.05
N HIS A 199 5.80 7.56 -39.11
CA HIS A 199 6.05 9.02 -38.89
C HIS A 199 7.45 9.12 -38.33
N PRO A 200 8.12 10.27 -38.54
CA PRO A 200 9.42 10.42 -37.92
C PRO A 200 9.38 10.58 -36.37
N VAL A 201 10.53 10.31 -35.76
CA VAL A 201 10.78 10.60 -34.38
C VAL A 201 10.35 12.03 -34.11
N GLY A 202 9.41 12.22 -33.15
CA GLY A 202 8.98 13.57 -32.73
C GLY A 202 7.66 13.99 -33.36
N TRP A 203 7.10 13.20 -34.26
CA TRP A 203 5.80 13.54 -34.87
C TRP A 203 4.68 13.67 -33.84
N CYS A 204 4.52 12.68 -32.94
CA CYS A 204 3.54 12.73 -31.80
C CYS A 204 3.63 14.04 -31.01
N GLN A 205 4.85 14.38 -30.58
CA GLN A 205 5.07 15.59 -29.81
C GLN A 205 4.54 16.85 -30.53
N LYS A 206 4.92 17.01 -31.79
CA LYS A 206 4.43 18.09 -32.63
C LYS A 206 2.92 18.03 -32.86
N GLN A 207 2.32 16.84 -32.83
CA GLN A 207 0.87 16.72 -33.03
C GLN A 207 0.07 16.91 -31.73
N GLY A 208 0.76 16.99 -30.59
CA GLY A 208 0.07 16.90 -29.28
C GLY A 208 -0.68 15.59 -29.06
N LYS A 209 -0.13 14.52 -29.62
CA LYS A 209 -0.61 13.15 -29.53
C LYS A 209 0.31 12.38 -28.52
N PRO A 210 -0.27 11.52 -27.69
CA PRO A 210 0.58 10.67 -26.83
C PRO A 210 1.37 9.59 -27.62
N LEU A 211 2.61 9.35 -27.20
CA LEU A 211 3.48 8.31 -27.76
C LEU A 211 3.56 7.12 -26.79
N THR A 212 3.44 5.89 -27.30
CA THR A 212 3.48 4.69 -26.46
C THR A 212 4.96 4.23 -26.47
N PRO A 213 5.63 4.26 -25.30
CA PRO A 213 7.04 3.89 -25.28
C PRO A 213 7.20 2.34 -25.39
N PRO A 214 8.45 1.81 -25.48
CA PRO A 214 8.53 0.34 -25.54
C PRO A 214 7.80 -0.34 -24.36
N GLN A 215 7.34 -1.58 -24.55
CA GLN A 215 6.68 -2.33 -23.48
C GLN A 215 7.52 -2.30 -22.22
N ASP A 216 6.86 -1.99 -21.11
CA ASP A 216 7.43 -1.94 -19.76
C ASP A 216 8.69 -1.05 -19.70
N TYR A 217 8.71 0.06 -20.43
CA TYR A 217 9.88 0.94 -20.35
C TYR A 217 10.00 1.51 -18.89
N PRO A 218 11.22 1.52 -18.26
CA PRO A 218 11.23 1.91 -16.83
C PRO A 218 10.90 3.40 -16.67
N ASP A 219 9.78 3.68 -16.01
CA ASP A 219 9.28 5.06 -15.93
C ASP A 219 8.98 5.65 -17.33
N PRO A 220 7.81 5.26 -17.92
CA PRO A 220 7.38 5.45 -19.32
C PRO A 220 6.93 6.88 -19.68
N ASP A 221 6.63 7.66 -18.64
CA ASP A 221 6.17 9.03 -18.78
C ASP A 221 7.31 9.97 -19.10
N ASN A 222 8.53 9.56 -18.83
CA ASN A 222 9.72 10.39 -19.10
C ASN A 222 10.42 9.95 -20.32
N PHE A 223 9.78 9.08 -21.15
CA PHE A 223 10.41 8.53 -22.28
C PHE A 223 10.93 9.75 -23.05
N CYS A 224 12.22 9.73 -23.37
CA CYS A 224 12.77 10.83 -24.07
C CYS A 224 13.46 10.18 -25.25
N TRP A 225 12.97 10.50 -26.44
CA TRP A 225 13.53 9.92 -27.66
C TRP A 225 15.05 10.08 -27.74
N GLU A 226 15.58 11.26 -27.46
CA GLU A 226 17.04 11.41 -27.58
C GLU A 226 17.83 10.61 -26.55
N LYS A 227 17.26 10.37 -25.38
CA LYS A 227 17.90 9.49 -24.41
C LYS A 227 17.86 8.03 -24.89
N TYR A 228 16.72 7.66 -25.44
CA TYR A 228 16.49 6.34 -25.94
C TYR A 228 17.35 6.01 -27.15
N LEU A 229 17.46 6.96 -28.09
CA LEU A 229 18.36 6.82 -29.21
C LEU A 229 19.82 6.65 -28.76
N GLU A 230 20.28 7.44 -27.79
CA GLU A 230 21.62 7.26 -27.27
C GLU A 230 21.88 5.90 -26.57
N GLU A 231 20.97 5.50 -25.67
CA GLU A 231 21.17 4.23 -24.95
C GLU A 231 21.19 3.03 -25.92
N THR A 232 20.44 3.12 -27.01
CA THR A 232 20.36 2.00 -27.94
C THR A 232 21.36 2.04 -29.07
N GLY A 233 22.25 3.05 -29.09
CA GLY A 233 23.19 3.22 -30.13
C GLY A 233 22.50 3.36 -31.47
N ALA A 234 21.30 3.96 -31.48
CA ALA A 234 20.49 4.07 -32.68
C ALA A 234 20.32 5.54 -33.17
N SER A 235 19.97 5.74 -34.44
CA SER A 235 19.49 7.05 -34.95
C SER A 235 18.07 7.01 -35.51
N ALA A 236 17.45 8.18 -35.57
CA ALA A 236 16.13 8.39 -36.19
C ALA A 236 16.28 8.19 -37.69
N VAL A 237 15.33 7.50 -38.32
CA VAL A 237 15.11 7.68 -39.75
C VAL A 237 14.96 9.19 -40.05
N PRO A 238 15.75 9.71 -41.02
CA PRO A 238 15.58 11.17 -41.28
C PRO A 238 14.21 11.52 -41.81
N THR A 239 13.78 12.72 -41.42
CA THR A 239 12.47 13.21 -41.72
C THR A 239 12.29 13.33 -43.22
N TRP A 240 13.32 13.79 -43.94
CA TRP A 240 13.21 13.80 -45.41
C TRP A 240 12.77 12.44 -46.08
N ALA A 241 13.05 11.31 -45.44
CA ALA A 241 12.85 9.95 -46.04
C ALA A 241 11.34 9.54 -46.12
N PHE A 242 10.49 10.22 -45.36
CA PHE A 242 9.04 9.91 -45.29
C PHE A 242 8.30 10.64 -46.39
N LYS A 243 7.52 9.95 -47.22
CA LYS A 243 6.79 10.56 -48.37
C LYS A 243 5.29 10.63 -48.23
N VAL A 244 4.67 11.60 -48.90
CA VAL A 244 3.22 11.68 -48.78
C VAL A 244 2.62 10.66 -49.74
N ARG A 245 1.75 9.78 -49.26
CA ARG A 245 0.91 9.03 -50.17
C ARG A 245 -0.43 9.76 -50.45
N PRO A 246 -0.71 10.06 -51.73
CA PRO A 246 -2.02 10.70 -51.98
C PRO A 246 -3.21 9.73 -51.76
N PRO A 247 -4.37 10.25 -51.32
CA PRO A 247 -5.52 9.36 -51.06
C PRO A 247 -5.94 8.67 -52.35
N HIS A 248 -6.56 7.50 -52.23
CA HIS A 248 -7.11 6.83 -53.40
C HIS A 248 -8.33 7.61 -53.98
N SER A 249 -8.77 7.22 -55.17
CA SER A 249 -9.91 7.85 -55.83
C SER A 249 -11.05 6.84 -56.12
N PHE A 250 -11.14 5.79 -55.30
CA PHE A 250 -12.29 4.89 -55.34
C PHE A 250 -13.52 5.60 -54.82
N LEU A 251 -14.65 5.37 -55.50
CA LEU A 251 -15.92 5.92 -55.08
C LEU A 251 -16.91 4.79 -54.72
N VAL A 252 -17.76 5.09 -53.73
CA VAL A 252 -18.88 4.22 -53.33
C VAL A 252 -19.68 3.82 -54.58
N ASN A 253 -19.95 2.52 -54.71
CA ASN A 253 -20.68 1.92 -55.84
C ASN A 253 -19.88 1.39 -57.02
N MET A 254 -18.59 1.78 -57.14
CA MET A 254 -17.76 1.21 -58.19
C MET A 254 -17.62 -0.28 -57.94
N LYS A 255 -17.70 -1.02 -59.03
CA LYS A 255 -17.51 -2.46 -59.00
C LYS A 255 -16.07 -2.91 -59.36
N LEU A 256 -15.65 -4.00 -58.73
CA LEU A 256 -14.30 -4.53 -58.90
C LEU A 256 -14.34 -6.04 -58.55
N GLU A 257 -13.18 -6.67 -58.48
CA GLU A 257 -13.09 -8.09 -58.11
C GLU A 257 -12.26 -8.17 -56.80
N ALA A 258 -12.71 -8.96 -55.80
CA ALA A 258 -11.89 -9.13 -54.59
C ALA A 258 -11.81 -10.56 -54.05
N VAL A 259 -10.61 -10.96 -53.63
CA VAL A 259 -10.41 -12.19 -52.90
C VAL A 259 -11.37 -12.26 -51.68
N ASP A 260 -12.03 -13.41 -51.54
CA ASP A 260 -12.92 -13.65 -50.41
C ASP A 260 -12.07 -13.97 -49.19
N ARG A 261 -12.16 -13.19 -48.12
CA ARG A 261 -11.31 -13.42 -46.95
C ARG A 261 -11.66 -14.64 -46.14
N ARG A 262 -12.88 -15.15 -46.31
CA ARG A 262 -13.24 -16.36 -45.57
C ARG A 262 -12.95 -17.66 -46.33
N ASN A 263 -12.79 -17.57 -47.65
CA ASN A 263 -12.47 -18.68 -48.54
C ASN A 263 -11.51 -18.15 -49.61
N PRO A 264 -10.20 -18.01 -49.25
CA PRO A 264 -9.34 -17.22 -50.14
C PRO A 264 -8.97 -17.83 -51.51
N ALA A 265 -9.31 -19.10 -51.78
CA ALA A 265 -9.30 -19.61 -53.17
C ALA A 265 -10.26 -18.83 -54.13
N LEU A 266 -11.24 -18.14 -53.56
CA LEU A 266 -12.31 -17.56 -54.39
C LEU A 266 -12.14 -16.08 -54.57
N ILE A 267 -12.52 -15.60 -55.76
CA ILE A 267 -12.63 -14.16 -56.04
C ILE A 267 -14.05 -13.93 -56.51
N ARG A 268 -14.67 -12.86 -55.97
CA ARG A 268 -16.04 -12.52 -56.13
C ARG A 268 -16.20 -11.12 -56.74
N VAL A 269 -17.33 -10.89 -57.42
CA VAL A 269 -17.78 -9.54 -57.82
C VAL A 269 -17.99 -8.75 -56.51
N ALA A 270 -17.38 -7.58 -56.42
CA ALA A 270 -17.43 -6.74 -55.24
C ALA A 270 -17.80 -5.32 -55.68
N SER A 271 -18.26 -4.55 -54.70
CA SER A 271 -18.62 -3.13 -54.80
C SER A 271 -17.96 -2.43 -53.65
N VAL A 272 -17.65 -1.16 -53.86
CA VAL A 272 -17.11 -0.29 -52.83
C VAL A 272 -18.35 0.17 -52.03
N GLU A 273 -18.40 -0.25 -50.77
CA GLU A 273 -19.52 0.10 -49.84
C GLU A 273 -19.27 1.46 -49.18
N ASP A 274 -18.00 1.79 -48.97
CA ASP A 274 -17.56 2.96 -48.20
C ASP A 274 -16.08 3.24 -48.46
N VAL A 275 -15.60 4.42 -48.04
CA VAL A 275 -14.21 4.85 -48.29
C VAL A 275 -13.64 5.60 -47.08
N GLU A 276 -12.33 5.64 -46.99
CA GLU A 276 -11.54 6.53 -46.14
C GLU A 276 -10.42 7.03 -47.07
N ASP A 277 -9.45 7.76 -46.52
CA ASP A 277 -8.36 8.28 -47.38
C ASP A 277 -7.49 7.17 -48.04
N HIS A 278 -7.28 6.07 -47.32
CA HIS A 278 -6.38 4.99 -47.76
C HIS A 278 -7.00 3.58 -47.73
N ARG A 279 -8.30 3.48 -47.43
CA ARG A 279 -8.95 2.16 -47.36
C ARG A 279 -10.30 2.22 -48.00
N ILE A 280 -10.75 1.08 -48.48
CA ILE A 280 -12.11 0.97 -49.00
C ILE A 280 -12.82 -0.13 -48.28
N LYS A 281 -14.15 -0.06 -48.21
CA LYS A 281 -14.92 -1.14 -47.65
C LYS A 281 -15.56 -1.94 -48.79
N ILE A 282 -15.33 -3.23 -48.76
CA ILE A 282 -15.72 -4.08 -49.84
C ILE A 282 -17.04 -4.77 -49.44
N HIS A 283 -18.03 -4.74 -50.34
CA HIS A 283 -19.24 -5.51 -50.19
C HIS A 283 -19.27 -6.57 -51.31
N PHE A 284 -19.56 -7.83 -50.99
CA PHE A 284 -19.78 -8.84 -52.04
C PHE A 284 -21.25 -8.91 -52.58
N ASP A 285 -21.46 -8.43 -53.80
CA ASP A 285 -22.80 -8.42 -54.45
C ASP A 285 -23.60 -9.71 -54.25
N GLY A 286 -24.80 -9.52 -53.68
CA GLY A 286 -25.78 -10.58 -53.45
C GLY A 286 -25.59 -11.31 -52.11
N TRP A 287 -24.50 -11.00 -51.38
CA TRP A 287 -24.20 -11.60 -50.03
C TRP A 287 -24.69 -10.67 -48.95
N SER A 288 -24.92 -11.21 -47.77
CA SER A 288 -25.13 -10.40 -46.57
C SER A 288 -24.04 -9.35 -46.37
N HIS A 289 -24.43 -8.15 -45.94
CA HIS A 289 -23.54 -7.06 -45.55
C HIS A 289 -22.74 -7.38 -44.28
N GLY A 290 -23.15 -8.43 -43.55
CA GLY A 290 -22.35 -8.93 -42.43
C GLY A 290 -20.99 -9.45 -42.89
N TYR A 291 -20.83 -9.71 -44.19
CA TYR A 291 -19.49 -10.10 -44.82
C TYR A 291 -18.65 -8.92 -45.40
N ASP A 292 -19.21 -7.72 -45.46
CA ASP A 292 -18.41 -6.53 -45.76
C ASP A 292 -17.13 -6.39 -44.87
N PHE A 293 -16.05 -5.88 -45.43
CA PHE A 293 -14.76 -5.69 -44.67
C PHE A 293 -13.98 -4.51 -45.27
N TRP A 294 -13.19 -3.86 -44.40
CA TRP A 294 -12.19 -2.89 -44.81
C TRP A 294 -10.89 -3.54 -45.30
N ILE A 295 -10.28 -2.90 -46.27
CA ILE A 295 -9.03 -3.35 -46.84
C ILE A 295 -8.29 -2.07 -47.36
N ASP A 296 -6.97 -2.02 -47.18
CA ASP A 296 -6.14 -0.95 -47.71
C ASP A 296 -6.30 -0.90 -49.22
N ALA A 297 -6.27 0.28 -49.81
CA ALA A 297 -6.56 0.42 -51.22
C ALA A 297 -5.42 -0.10 -52.11
N ASP A 298 -4.17 -0.19 -51.58
CA ASP A 298 -3.05 -0.80 -52.34
C ASP A 298 -2.86 -2.35 -52.07
N HIS A 299 -3.83 -2.99 -51.41
CA HIS A 299 -3.74 -4.42 -51.10
C HIS A 299 -3.70 -5.29 -52.38
N PRO A 300 -2.74 -6.24 -52.45
CA PRO A 300 -2.63 -7.13 -53.61
C PRO A 300 -3.87 -7.99 -53.94
N ASP A 301 -4.84 -8.09 -53.04
CA ASP A 301 -6.03 -8.94 -53.24
C ASP A 301 -7.34 -8.23 -53.69
N ILE A 302 -7.19 -7.04 -54.27
CA ILE A 302 -8.27 -6.37 -55.01
C ILE A 302 -7.76 -6.03 -56.40
N HIS A 303 -8.65 -6.10 -57.38
CA HIS A 303 -8.29 -6.11 -58.78
C HIS A 303 -9.39 -5.48 -59.58
N PRO A 304 -9.03 -4.90 -60.76
CA PRO A 304 -10.12 -4.37 -61.57
C PRO A 304 -11.02 -5.45 -62.21
N ALA A 305 -12.25 -5.06 -62.58
CA ALA A 305 -13.14 -5.89 -63.34
C ALA A 305 -12.40 -6.38 -64.59
N GLY A 306 -12.47 -7.68 -64.86
CA GLY A 306 -11.76 -8.24 -66.05
C GLY A 306 -10.50 -9.03 -65.67
N TRP A 307 -9.96 -8.76 -64.48
CA TRP A 307 -8.70 -9.36 -64.05
C TRP A 307 -8.77 -10.91 -63.99
N CYS A 308 -9.81 -11.50 -63.40
CA CYS A 308 -9.95 -12.95 -63.39
C CYS A 308 -10.04 -13.48 -64.79
N SER A 309 -10.82 -12.83 -65.62
CA SER A 309 -10.97 -13.25 -66.98
C SER A 309 -9.65 -13.25 -67.76
N LYS A 310 -8.91 -12.17 -67.63
CA LYS A 310 -7.68 -12.01 -68.38
C LYS A 310 -6.55 -12.90 -67.81
N THR A 311 -6.63 -13.26 -66.54
CA THR A 311 -5.52 -14.10 -65.93
C THR A 311 -5.86 -15.60 -65.87
N GLY A 312 -7.10 -15.94 -66.24
CA GLY A 312 -7.55 -17.34 -66.23
C GLY A 312 -8.05 -17.82 -64.87
N HIS A 313 -8.43 -16.91 -63.97
CA HIS A 313 -8.97 -17.30 -62.67
C HIS A 313 -10.50 -17.36 -62.75
N PRO A 314 -11.17 -18.38 -62.17
CA PRO A 314 -12.67 -18.29 -62.07
C PRO A 314 -13.11 -17.11 -61.21
N LEU A 315 -14.19 -16.47 -61.60
CA LEU A 315 -14.76 -15.38 -60.84
C LEU A 315 -16.11 -15.83 -60.29
N GLN A 316 -16.39 -15.62 -59.02
CA GLN A 316 -17.75 -15.92 -58.52
C GLN A 316 -18.73 -14.77 -58.87
N PRO A 317 -19.83 -15.07 -59.65
CA PRO A 317 -20.88 -14.08 -59.90
C PRO A 317 -21.61 -13.74 -58.59
N PRO A 318 -22.27 -12.58 -58.52
CA PRO A 318 -23.09 -12.24 -57.35
C PRO A 318 -23.97 -13.42 -56.88
N LEU A 319 -24.21 -13.52 -55.58
CA LEU A 319 -25.10 -14.55 -55.08
C LEU A 319 -26.57 -14.21 -55.53
N GLY A 320 -27.25 -15.17 -56.16
CA GLY A 320 -28.61 -14.94 -56.66
C GLY A 320 -29.59 -16.03 -56.23
N PRO A 321 -30.90 -15.81 -56.46
CA PRO A 321 -31.97 -16.77 -56.01
C PRO A 321 -31.99 -18.06 -56.85
N ARG B 7 -6.23 -11.46 -28.26
CA ARG B 7 -4.87 -11.71 -27.61
C ARG B 7 -3.82 -10.60 -27.93
N HIS B 8 -3.97 -9.95 -29.12
CA HIS B 8 -3.12 -8.85 -29.53
C HIS B 8 -3.60 -7.49 -29.03
N ARG B 9 -4.76 -7.50 -28.35
CA ARG B 9 -5.38 -6.29 -27.80
C ARG B 9 -4.51 -5.82 -26.62
N MLY B 10 -4.12 -4.56 -26.63
CA MLY B 10 -3.29 -4.03 -25.56
CB MLY B 10 -2.21 -3.06 -26.09
CG MLY B 10 -1.05 -3.77 -26.78
CD MLY B 10 -0.27 -2.79 -27.68
CE MLY B 10 1.01 -3.35 -28.31
NZ MLY B 10 1.48 -2.46 -29.42
CH1 MLY B 10 2.08 -1.22 -28.88
CH2 MLY B 10 2.64 -3.17 -30.06
C MLY B 10 -4.21 -3.35 -24.56
O MLY B 10 -5.12 -2.62 -24.95
N VAL B 11 -4.00 -3.61 -23.27
CA VAL B 11 -4.87 -3.11 -22.17
C VAL B 11 -3.97 -2.70 -21.01
N LEU B 12 -4.32 -1.58 -20.38
CA LEU B 12 -3.61 -1.19 -19.16
C LEU B 12 -3.95 -2.18 -18.05
N ARG B 13 -2.93 -2.72 -17.38
CA ARG B 13 -3.09 -3.69 -16.33
C ARG B 13 -2.16 -3.35 -15.19
N ASP B 14 -2.36 -3.97 -14.02
CA ASP B 14 -1.43 -3.87 -12.88
C ASP B 14 -1.03 -5.27 -12.44
N ASN B 15 -0.35 -5.40 -11.30
CA ASN B 15 0.06 -6.71 -10.79
C ASN B 15 -0.68 -7.11 -9.48
N ILE B 16 -2.00 -7.06 -9.54
CA ILE B 16 -2.88 -7.45 -8.46
C ILE B 16 -3.80 -8.52 -9.08
N TRP C 7 17.54 20.23 24.61
CA TRP C 7 17.29 20.71 23.22
C TRP C 7 16.10 21.69 23.13
N SER C 8 16.33 22.86 22.51
CA SER C 8 15.24 23.82 22.26
C SER C 8 15.22 24.35 20.86
N TRP C 9 14.00 24.57 20.36
CA TRP C 9 13.75 25.18 19.07
C TRP C 9 14.39 26.56 18.96
N GLU C 10 14.28 27.34 20.02
CA GLU C 10 14.81 28.69 20.10
C GLU C 10 16.32 28.80 19.86
N SER C 11 17.09 27.99 20.58
CA SER C 11 18.55 27.98 20.39
C SER C 11 18.90 27.34 19.05
N TYR C 12 18.13 26.34 18.64
CA TYR C 12 18.41 25.72 17.36
C TYR C 12 18.23 26.69 16.20
N LEU C 13 17.13 27.43 16.22
CA LEU C 13 16.87 28.41 15.15
C LEU C 13 17.89 29.55 15.17
N GLU C 14 18.25 30.03 16.36
CA GLU C 14 19.37 30.99 16.56
C GLU C 14 20.69 30.47 15.96
N GLU C 15 21.03 29.22 16.25
CA GLU C 15 22.24 28.56 15.74
C GLU C 15 22.25 28.34 14.21
N GLN C 16 21.07 28.10 13.64
CA GLN C 16 20.92 27.80 12.21
C GLN C 16 20.62 29.05 11.37
N LYS C 17 20.37 30.18 12.05
CA LYS C 17 19.77 31.38 11.45
C LYS C 17 18.59 31.04 10.54
N ALA C 18 17.63 30.33 11.10
CA ALA C 18 16.50 29.86 10.32
C ALA C 18 15.21 30.24 11.03
N ILE C 19 14.11 30.01 10.34
CA ILE C 19 12.80 30.27 10.92
C ILE C 19 11.94 28.99 10.86
N THR C 20 10.96 28.89 11.76
CA THR C 20 9.98 27.85 11.61
C THR C 20 8.88 28.31 10.63
N ALA C 21 8.20 27.38 9.96
CA ALA C 21 6.93 27.73 9.23
C ALA C 21 5.89 28.27 10.23
N PRO C 22 5.41 29.52 10.02
CA PRO C 22 4.40 30.09 10.92
C PRO C 22 3.12 29.23 11.03
N VAL C 23 2.50 29.25 12.21
CA VAL C 23 1.32 28.42 12.51
C VAL C 23 0.18 28.68 11.50
N SER C 24 0.13 29.92 11.03
CA SER C 24 -0.84 30.36 10.05
C SER C 24 -0.79 29.61 8.71
N LEU C 25 0.33 28.95 8.40
CA LEU C 25 0.43 28.17 7.15
C LEU C 25 -0.22 26.79 7.25
N PHE C 26 -0.53 26.36 8.47
CA PHE C 26 -1.13 25.02 8.68
C PHE C 26 -2.66 25.10 8.74
N GLN C 27 -3.30 23.97 8.53
CA GLN C 27 -4.73 23.81 8.79
C GLN C 27 -4.87 23.79 10.29
N ASP C 28 -5.99 24.30 10.79
CA ASP C 28 -6.27 24.26 12.24
C ASP C 28 -6.12 22.84 12.82
N SER C 29 -6.59 21.81 12.11
CA SER C 29 -6.45 20.44 12.63
C SER C 29 -4.98 19.98 12.80
N GLN C 30 -4.08 20.44 11.92
CA GLN C 30 -2.64 20.19 12.05
C GLN C 30 -1.97 20.95 13.20
N ALA C 31 -2.47 22.16 13.49
CA ALA C 31 -1.87 23.06 14.46
C ALA C 31 -2.43 22.93 15.87
N VAL C 32 -3.64 22.41 16.01
CA VAL C 32 -4.35 22.53 17.33
C VAL C 32 -3.60 21.68 18.41
N THR C 33 -3.19 22.32 19.50
CA THR C 33 -2.54 21.63 20.63
C THR C 33 -3.32 21.70 21.97
N HIS C 34 -4.39 22.49 22.03
CA HIS C 34 -5.03 22.67 23.32
C HIS C 34 -6.10 21.64 23.64
N ASN C 35 -6.44 20.73 22.72
CA ASN C 35 -7.37 19.61 22.99
C ASN C 35 -6.71 18.50 23.78
N LYS C 36 -7.37 18.05 24.82
CA LYS C 36 -6.91 16.89 25.58
C LYS C 36 -7.18 15.62 24.73
N ASN C 37 -6.25 14.66 24.80
CA ASN C 37 -6.49 13.32 24.29
C ASN C 37 -7.30 12.52 25.29
N GLY C 38 -8.58 12.32 24.97
CA GLY C 38 -9.49 11.56 25.81
C GLY C 38 -9.50 10.04 25.58
N PHE C 39 -8.76 9.57 24.57
CA PHE C 39 -8.65 8.13 24.32
C PHE C 39 -7.78 7.43 25.37
N LYS C 40 -8.24 6.25 25.76
CA LYS C 40 -7.67 5.49 26.84
C LYS C 40 -7.44 4.09 26.32
N LEU C 41 -6.40 3.44 26.84
CA LEU C 41 -6.00 2.09 26.47
C LEU C 41 -7.16 1.12 26.57
N GLY C 42 -7.29 0.27 25.55
CA GLY C 42 -8.37 -0.70 25.55
C GLY C 42 -9.70 -0.20 24.98
N MET C 43 -9.84 1.11 24.78
CA MET C 43 -11.13 1.61 24.23
C MET C 43 -11.34 1.03 22.81
N LYS C 44 -12.57 0.67 22.49
CA LYS C 44 -12.90 0.07 21.17
C LYS C 44 -13.63 1.08 20.32
N LEU C 45 -13.44 1.00 18.99
CA LEU C 45 -13.99 1.95 18.02
C LEU C 45 -13.98 1.32 16.61
N GLU C 46 -14.49 2.06 15.63
CA GLU C 46 -14.49 1.61 14.24
C GLU C 46 -13.60 2.56 13.45
N GLY C 47 -12.88 2.05 12.47
CA GLY C 47 -12.09 2.93 11.70
C GLY C 47 -11.70 2.35 10.37
N ILE C 48 -11.25 3.23 9.50
CA ILE C 48 -10.73 2.87 8.18
C ILE C 48 -9.36 2.17 8.25
N ASP C 49 -9.19 1.14 7.43
CA ASP C 49 -7.88 0.50 7.25
C ASP C 49 -7.01 1.38 6.36
N PRO C 50 -5.85 1.87 6.85
CA PRO C 50 -5.11 2.72 5.94
C PRO C 50 -4.65 2.05 4.65
N GLN C 51 -4.50 0.71 4.66
CA GLN C 51 -4.19 -0.10 3.49
C GLN C 51 -5.37 -0.33 2.50
N HIS C 52 -6.60 -0.19 2.99
CA HIS C 52 -7.85 -0.43 2.24
C HIS C 52 -8.82 0.65 2.64
N PRO C 53 -8.65 1.85 2.10
CA PRO C 53 -9.30 3.09 2.56
C PRO C 53 -10.84 3.04 2.45
N SER C 54 -11.37 2.05 1.73
CA SER C 54 -12.86 1.94 1.66
C SER C 54 -13.45 1.08 2.78
N MET C 55 -12.60 0.39 3.53
CA MET C 55 -13.00 -0.68 4.46
C MET C 55 -12.89 -0.27 5.92
N TYR C 56 -13.86 -0.71 6.73
CA TYR C 56 -13.97 -0.29 8.15
C TYR C 56 -13.84 -1.50 9.03
N PHE C 57 -13.05 -1.36 10.09
CA PHE C 57 -12.72 -2.43 11.02
C PHE C 57 -12.98 -2.00 12.47
N ILE C 58 -13.15 -2.98 13.36
CA ILE C 58 -13.11 -2.80 14.79
C ILE C 58 -11.69 -2.70 15.22
N LEU C 59 -11.38 -1.61 15.94
CA LEU C 59 -10.06 -1.26 16.40
C LEU C 59 -10.08 -1.03 17.90
N THR C 60 -8.94 -1.30 18.55
CA THR C 60 -8.72 -1.06 19.93
C THR C 60 -7.53 -0.09 20.10
N VAL C 61 -7.64 0.83 21.07
CA VAL C 61 -6.51 1.66 21.46
C VAL C 61 -5.41 0.81 22.20
N ALA C 62 -4.27 0.65 21.53
CA ALA C 62 -3.11 -0.14 22.04
C ALA C 62 -2.12 0.75 22.75
N GLU C 63 -2.10 2.03 22.39
CA GLU C 63 -1.07 2.91 22.97
C GLU C 63 -1.51 4.33 22.77
N VAL C 64 -1.15 5.23 23.69
CA VAL C 64 -1.38 6.63 23.51
C VAL C 64 -0.08 7.36 23.75
N CYS C 65 0.22 8.30 22.86
CA CYS C 65 1.37 9.16 23.05
C CYS C 65 1.05 10.60 22.61
N GLY C 66 0.89 11.46 23.62
CA GLY C 66 0.54 12.87 23.39
C GLY C 66 -0.90 12.89 22.83
N TYR C 67 -1.08 13.51 21.66
CA TYR C 67 -2.35 13.64 20.96
C TYR C 67 -2.51 12.58 19.83
N ARG C 68 -1.72 11.52 19.92
CA ARG C 68 -1.65 10.41 18.96
C ARG C 68 -1.99 9.09 19.65
N LEU C 69 -2.55 8.16 18.89
CA LEU C 69 -2.88 6.83 19.35
C LEU C 69 -2.46 5.75 18.32
N ARG C 70 -2.11 4.59 18.87
CA ARG C 70 -1.83 3.43 18.12
C ARG C 70 -3.02 2.50 18.24
N LEU C 71 -3.52 2.11 17.07
CA LEU C 71 -4.71 1.28 16.92
C LEU C 71 -4.41 -0.10 16.43
N HIS C 72 -5.16 -1.02 16.99
CA HIS C 72 -4.95 -2.45 16.78
C HIS C 72 -6.21 -3.02 16.13
N PHE C 73 -6.07 -3.83 15.08
CA PHE C 73 -7.23 -4.50 14.48
C PHE C 73 -7.62 -5.76 15.33
N ASP C 74 -8.77 -5.75 16.00
CA ASP C 74 -9.16 -6.87 16.84
C ASP C 74 -9.12 -8.23 16.04
N GLY C 75 -8.40 -9.21 16.58
CA GLY C 75 -8.35 -10.54 15.96
C GLY C 75 -7.15 -10.75 15.05
N TYR C 76 -6.52 -9.66 14.58
CA TYR C 76 -5.35 -9.73 13.69
C TYR C 76 -4.03 -9.50 14.38
N SER C 77 -2.95 -9.75 13.63
CA SER C 77 -1.60 -9.50 14.05
C SER C 77 -1.36 -8.03 14.48
N GLU C 78 -0.55 -7.84 15.52
CA GLU C 78 -0.12 -6.53 15.98
C GLU C 78 0.84 -5.84 14.99
N CYS C 79 1.37 -6.59 14.02
CA CYS C 79 2.17 -5.95 13.00
C CYS C 79 1.33 -5.02 12.06
N HIS C 80 0.00 -5.09 12.11
CA HIS C 80 -0.81 -4.16 11.30
C HIS C 80 -1.18 -2.87 12.04
N ASP C 81 -0.72 -2.71 13.28
CA ASP C 81 -1.10 -1.58 14.13
C ASP C 81 -0.72 -0.32 13.38
N PHE C 82 -1.47 0.76 13.61
CA PHE C 82 -1.07 2.02 13.00
C PHE C 82 -1.40 3.19 13.89
N TRP C 83 -0.76 4.34 13.61
CA TRP C 83 -0.93 5.55 14.40
C TRP C 83 -1.86 6.56 13.74
N VAL C 84 -2.72 7.19 14.53
CA VAL C 84 -3.50 8.36 14.07
C VAL C 84 -3.43 9.47 15.10
N ASN C 85 -3.83 10.66 14.69
CA ASN C 85 -4.12 11.73 15.65
C ASN C 85 -5.50 11.50 16.25
N ALA C 86 -5.67 12.03 17.47
CA ALA C 86 -6.91 11.89 18.19
C ALA C 86 -8.03 12.70 17.53
N ASN C 87 -7.69 13.69 16.67
CA ASN C 87 -8.75 14.40 15.91
C ASN C 87 -8.82 13.87 14.50
N SER C 88 -8.40 12.62 14.31
CA SER C 88 -8.60 11.98 13.02
C SER C 88 -10.07 11.84 12.58
N PRO C 89 -10.37 12.22 11.32
CA PRO C 89 -11.74 11.99 10.86
C PRO C 89 -11.95 10.55 10.34
N ASP C 90 -10.95 9.66 10.48
CA ASP C 90 -10.99 8.27 9.89
C ASP C 90 -11.29 7.23 10.90
N ILE C 91 -11.73 7.66 12.08
CA ILE C 91 -12.15 6.76 13.18
C ILE C 91 -13.53 7.21 13.57
N HIS C 92 -14.36 6.29 14.08
CA HIS C 92 -15.78 6.59 14.36
C HIS C 92 -16.19 5.79 15.58
N PRO C 93 -17.19 6.29 16.33
CA PRO C 93 -17.68 5.58 17.54
C PRO C 93 -18.37 4.24 17.25
N ALA C 94 -18.27 3.27 18.17
CA ALA C 94 -19.04 2.03 18.06
C ALA C 94 -20.49 2.30 17.63
N GLY C 95 -20.98 1.61 16.57
CA GLY C 95 -22.41 1.79 16.23
C GLY C 95 -22.59 2.66 14.99
N TRP C 96 -21.58 3.46 14.70
CA TRP C 96 -21.62 4.38 13.57
C TRP C 96 -21.93 3.70 12.24
N PHE C 97 -21.35 2.52 11.98
CA PHE C 97 -21.50 1.84 10.67
C PHE C 97 -22.99 1.59 10.38
N GLU C 98 -23.76 1.17 11.39
CA GLU C 98 -25.18 0.79 11.14
C GLU C 98 -26.14 1.98 10.99
N LYS C 99 -25.75 3.14 11.49
CA LYS C 99 -26.53 4.36 11.47
C LYS C 99 -26.26 5.14 10.18
N THR C 100 -25.22 4.77 9.42
CA THR C 100 -24.72 5.62 8.31
C THR C 100 -24.50 4.85 7.01
N GLY C 101 -24.85 3.56 7.01
CA GLY C 101 -24.80 2.78 5.77
C GLY C 101 -23.45 2.19 5.36
N HIS C 102 -22.61 1.91 6.36
CA HIS C 102 -21.23 1.40 6.05
C HIS C 102 -21.09 -0.07 6.48
N LYS C 103 -20.35 -0.85 5.71
CA LYS C 103 -20.09 -2.24 6.09
C LYS C 103 -18.94 -2.24 7.08
N LEU C 104 -19.07 -3.09 8.11
CA LEU C 104 -18.06 -3.25 9.12
C LEU C 104 -17.45 -4.63 9.00
N GLN C 105 -16.14 -4.73 8.77
CA GLN C 105 -15.48 -6.03 8.82
C GLN C 105 -15.42 -6.52 10.29
N PRO C 106 -15.92 -7.73 10.55
CA PRO C 106 -15.85 -8.21 11.94
C PRO C 106 -14.40 -8.58 12.40
N PRO C 107 -14.17 -8.75 13.71
CA PRO C 107 -12.92 -9.41 14.11
C PRO C 107 -12.65 -10.70 13.36
N LYS C 108 -11.39 -10.93 13.03
CA LYS C 108 -10.97 -12.23 12.52
C LYS C 108 -11.68 -13.32 13.34
N GLY C 109 -12.31 -14.27 12.64
CA GLY C 109 -13.07 -15.35 13.29
C GLY C 109 -14.58 -15.18 13.15
N TYR C 110 -15.06 -13.95 13.21
CA TYR C 110 -16.49 -13.67 13.10
C TYR C 110 -16.93 -13.71 11.64
N LYS C 111 -18.19 -14.10 11.43
CA LYS C 111 -18.89 -13.86 10.17
C LYS C 111 -19.78 -12.61 10.36
N GLU C 112 -19.94 -11.80 9.31
CA GLU C 112 -20.57 -10.46 9.44
C GLU C 112 -22.10 -10.47 9.63
N GLU C 113 -22.65 -11.65 9.96
CA GLU C 113 -24.01 -11.74 10.51
C GLU C 113 -23.98 -12.55 11.81
N GLU C 114 -22.85 -12.45 12.52
CA GLU C 114 -22.63 -13.05 13.84
C GLU C 114 -22.08 -11.98 14.82
N PHE C 115 -21.76 -10.78 14.30
CA PHE C 115 -21.28 -9.62 15.11
C PHE C 115 -22.34 -8.60 15.57
N SER C 116 -22.38 -8.37 16.88
CA SER C 116 -23.00 -7.16 17.41
C SER C 116 -22.10 -6.57 18.48
N TRP C 117 -22.11 -5.24 18.58
CA TRP C 117 -21.31 -4.54 19.53
C TRP C 117 -21.72 -4.87 20.99
N SER C 118 -23.01 -4.93 21.28
CA SER C 118 -23.40 -5.16 22.65
C SER C 118 -22.94 -6.53 23.14
N GLN C 119 -23.09 -7.56 22.30
CA GLN C 119 -22.58 -8.87 22.69
C GLN C 119 -21.04 -8.98 22.72
N TYR C 120 -20.36 -8.29 21.79
CA TYR C 120 -18.89 -8.23 21.76
C TYR C 120 -18.30 -7.46 22.94
N LEU C 121 -18.87 -6.31 23.30
CA LEU C 121 -18.47 -5.63 24.54
C LEU C 121 -18.73 -6.48 25.80
N ARG C 122 -19.80 -7.27 25.80
CA ARG C 122 -20.07 -8.22 26.88
C ARG C 122 -19.01 -9.33 26.97
N SER C 123 -18.65 -9.97 25.85
CA SER C 123 -17.58 -10.98 25.83
C SER C 123 -16.23 -10.41 26.28
N THR C 124 -15.88 -9.23 25.78
CA THR C 124 -14.54 -8.71 26.02
C THR C 124 -14.49 -7.90 27.32
N ARG C 125 -15.66 -7.54 27.86
CA ARG C 125 -15.76 -6.63 29.03
C ARG C 125 -15.06 -5.28 28.75
N ALA C 126 -15.06 -4.87 27.49
CA ALA C 126 -14.38 -3.66 27.06
C ALA C 126 -15.38 -2.49 27.01
N GLN C 127 -14.83 -1.28 26.92
CA GLN C 127 -15.58 -0.04 26.79
C GLN C 127 -15.40 0.46 25.36
N ALA C 128 -16.49 0.77 24.69
CA ALA C 128 -16.45 1.63 23.51
C ALA C 128 -15.94 3.03 23.88
N ALA C 129 -15.03 3.58 23.07
CA ALA C 129 -14.69 4.99 23.18
C ALA C 129 -15.97 5.89 23.12
N PRO C 130 -16.14 6.82 24.09
CA PRO C 130 -17.35 7.71 24.12
C PRO C 130 -17.49 8.59 22.84
N LYS C 131 -18.72 8.87 22.40
CA LYS C 131 -18.98 9.58 21.15
C LYS C 131 -18.33 11.00 21.04
N HIS C 132 -18.28 11.72 22.16
CA HIS C 132 -17.78 13.10 22.18
C HIS C 132 -16.29 13.21 21.80
N LEU C 133 -15.56 12.08 21.78
CA LEU C 133 -14.17 12.08 21.33
C LEU C 133 -13.97 12.20 19.83
N PHE C 134 -14.99 11.98 19.02
CA PHE C 134 -14.80 11.85 17.58
C PHE C 134 -15.22 13.08 16.77
N VAL C 135 -14.28 13.63 15.98
CA VAL C 135 -14.60 14.84 15.19
C VAL C 135 -15.56 14.49 14.02
N SER C 136 -15.58 13.22 13.63
CA SER C 136 -16.39 12.83 12.49
C SER C 136 -17.35 11.68 12.85
N GLN C 137 -18.63 12.05 12.93
CA GLN C 137 -19.70 11.11 13.18
C GLN C 137 -20.83 11.19 12.13
N SER C 138 -20.54 11.68 10.93
CA SER C 138 -21.59 11.97 9.92
C SER C 138 -22.71 12.98 10.37
N HIS C 139 -22.37 13.99 11.18
CA HIS C 139 -23.36 15.01 11.58
C HIS C 139 -23.11 16.40 10.99
N SER C 140 -22.00 16.58 10.26
CA SER C 140 -21.61 17.87 9.68
C SER C 140 -22.20 18.01 8.29
N PRO C 141 -22.31 19.25 7.78
CA PRO C 141 -22.71 19.46 6.38
C PRO C 141 -21.78 18.69 5.41
N PRO C 142 -22.39 17.99 4.42
CA PRO C 142 -21.67 17.23 3.41
C PRO C 142 -20.84 18.09 2.40
N PRO C 143 -20.05 17.44 1.51
CA PRO C 143 -19.32 18.17 0.49
C PRO C 143 -20.30 18.52 -0.64
N LEU C 144 -20.67 19.79 -0.70
CA LEU C 144 -21.75 20.22 -1.59
C LEU C 144 -21.59 19.75 -3.03
N GLY C 145 -22.61 19.05 -3.52
CA GLY C 145 -22.61 18.62 -4.88
C GLY C 145 -22.08 17.22 -5.11
N PHE C 146 -21.36 16.61 -4.19
CA PHE C 146 -20.78 15.27 -4.44
C PHE C 146 -21.64 14.22 -3.78
N GLN C 147 -22.38 13.47 -4.59
CA GLN C 147 -23.21 12.37 -4.02
C GLN C 147 -22.65 11.01 -4.39
N VAL C 148 -22.90 10.02 -3.54
CA VAL C 148 -22.51 8.63 -3.83
C VAL C 148 -22.99 8.20 -5.23
N GLY C 149 -22.11 7.63 -6.04
CA GLY C 149 -22.56 7.16 -7.35
C GLY C 149 -22.31 8.11 -8.51
N MET C 150 -22.13 9.42 -8.21
CA MET C 150 -21.67 10.39 -9.17
C MET C 150 -20.26 10.19 -9.70
N LYS C 151 -20.03 10.63 -10.96
CA LYS C 151 -18.80 10.34 -11.64
C LYS C 151 -17.99 11.61 -11.87
N LEU C 152 -16.67 11.44 -11.96
CA LEU C 152 -15.71 12.54 -12.12
C LEU C 152 -14.43 11.98 -12.78
N GLU C 153 -13.45 12.87 -13.07
CA GLU C 153 -12.14 12.46 -13.56
C GLU C 153 -11.13 12.66 -12.43
N ALA C 154 -10.38 11.61 -12.13
CA ALA C 154 -9.43 11.72 -11.00
C ALA C 154 -8.01 11.25 -11.37
N VAL C 155 -7.00 11.91 -10.81
CA VAL C 155 -5.60 11.46 -10.87
C VAL C 155 -5.40 10.18 -10.04
N ASP C 156 -4.83 9.14 -10.65
CA ASP C 156 -4.39 7.96 -9.89
C ASP C 156 -3.11 8.35 -9.16
N ARG C 157 -3.19 8.55 -7.86
CA ARG C 157 -1.99 8.94 -7.11
C ARG C 157 -0.90 7.87 -7.06
N MET C 158 -1.21 6.64 -7.45
CA MET C 158 -0.12 5.63 -7.66
C MET C 158 0.48 5.58 -9.08
N ASN C 159 -0.20 6.20 -10.03
CA ASN C 159 0.27 6.32 -11.41
C ASN C 159 -0.10 7.76 -11.83
N PRO C 160 0.60 8.76 -11.28
CA PRO C 160 0.07 10.14 -11.31
C PRO C 160 0.05 10.88 -12.66
N SER C 161 0.61 10.29 -13.73
CA SER C 161 0.46 10.86 -15.08
C SER C 161 -0.91 10.45 -15.68
N LEU C 162 -1.70 9.65 -14.96
CA LEU C 162 -2.98 9.16 -15.47
C LEU C 162 -4.13 9.88 -14.81
N VAL C 163 -5.04 10.41 -15.62
CA VAL C 163 -6.34 10.94 -15.16
C VAL C 163 -7.40 9.98 -15.68
N CYS C 164 -8.22 9.46 -14.76
CA CYS C 164 -9.04 8.30 -14.97
C CYS C 164 -10.49 8.55 -14.60
N VAL C 165 -11.34 7.73 -15.21
CA VAL C 165 -12.77 7.58 -14.89
C VAL C 165 -12.94 7.03 -13.47
N ALA C 166 -13.64 7.80 -12.66
CA ALA C 166 -13.72 7.54 -11.23
C ALA C 166 -15.14 7.89 -10.68
N SER C 167 -15.47 7.31 -9.53
CA SER C 167 -16.78 7.43 -8.91
C SER C 167 -16.64 7.85 -7.45
N VAL C 168 -17.64 8.59 -6.97
CA VAL C 168 -17.80 8.85 -5.53
C VAL C 168 -18.49 7.63 -4.93
N THR C 169 -17.83 6.89 -4.06
CA THR C 169 -18.41 5.70 -3.48
C THR C 169 -18.78 5.82 -1.95
N ASP C 170 -18.43 6.92 -1.28
CA ASP C 170 -18.64 7.06 0.16
C ASP C 170 -18.57 8.58 0.43
N VAL C 171 -19.44 9.03 1.33
CA VAL C 171 -19.51 10.40 1.75
C VAL C 171 -19.65 10.35 3.28
N VAL C 172 -18.72 11.05 3.96
CA VAL C 172 -18.67 11.15 5.41
C VAL C 172 -18.30 12.57 5.77
N ASP C 173 -19.26 13.31 6.35
CA ASP C 173 -19.09 14.73 6.74
C ASP C 173 -18.65 15.50 5.52
N SER C 174 -17.54 16.22 5.61
CA SER C 174 -17.14 17.07 4.49
C SER C 174 -16.23 16.36 3.49
N ARG C 175 -16.04 15.05 3.61
CA ARG C 175 -15.13 14.31 2.72
C ARG C 175 -15.83 13.25 1.90
N PHE C 176 -15.19 12.75 0.86
CA PHE C 176 -15.77 11.69 0.03
C PHE C 176 -14.68 10.78 -0.52
N LEU C 177 -15.07 9.56 -0.79
CA LEU C 177 -14.14 8.58 -1.30
C LEU C 177 -14.12 8.51 -2.85
N VAL C 178 -12.95 8.64 -3.45
CA VAL C 178 -12.78 8.48 -4.93
C VAL C 178 -12.38 7.06 -5.24
N HIS C 179 -13.13 6.40 -6.13
CA HIS C 179 -12.87 5.07 -6.51
C HIS C 179 -12.65 5.00 -8.03
N PHE C 180 -11.66 4.23 -8.48
CA PHE C 180 -11.39 4.09 -9.93
C PHE C 180 -12.15 2.92 -10.52
N ASP C 181 -13.18 3.19 -11.34
CA ASP C 181 -14.07 2.15 -11.91
C ASP C 181 -13.32 0.96 -12.45
N ASN C 182 -13.74 -0.19 -11.94
CA ASN C 182 -13.22 -1.49 -12.31
C ASN C 182 -11.76 -1.78 -11.92
N TRP C 183 -11.17 -0.99 -11.03
CA TRP C 183 -9.83 -1.30 -10.50
C TRP C 183 -9.94 -1.69 -9.03
N ASP C 184 -8.88 -2.32 -8.49
CA ASP C 184 -8.86 -2.68 -7.05
C ASP C 184 -9.23 -1.48 -6.14
N ASP C 185 -9.91 -1.76 -5.02
CA ASP C 185 -10.24 -0.71 -4.07
C ASP C 185 -8.98 -0.12 -3.40
N THR C 186 -7.82 -0.77 -3.52
CA THR C 186 -6.59 -0.22 -2.89
C THR C 186 -6.09 1.04 -3.62
N TYR C 187 -6.65 1.37 -4.79
CA TYR C 187 -6.40 2.70 -5.41
C TYR C 187 -7.28 3.85 -4.90
N ASP C 188 -8.26 3.56 -4.03
CA ASP C 188 -9.21 4.60 -3.58
C ASP C 188 -8.48 5.62 -2.65
N TYR C 189 -8.97 6.84 -2.62
CA TYR C 189 -8.48 7.79 -1.64
C TYR C 189 -9.56 8.77 -1.28
N TRP C 190 -9.46 9.26 -0.05
CA TRP C 190 -10.34 10.25 0.50
C TRP C 190 -10.00 11.66 0.06
N CYS C 191 -11.01 12.47 -0.15
CA CYS C 191 -10.90 13.70 -0.88
C CYS C 191 -11.87 14.76 -0.31
N ASP C 192 -11.70 16.03 -0.67
CA ASP C 192 -12.73 17.03 -0.45
C ASP C 192 -12.91 17.85 -1.78
N PRO C 193 -13.98 18.71 -1.87
CA PRO C 193 -14.27 19.53 -3.08
C PRO C 193 -13.15 20.43 -3.61
N SER C 194 -12.19 20.77 -2.77
CA SER C 194 -11.03 21.59 -3.17
C SER C 194 -9.79 20.78 -3.57
N SER C 195 -9.89 19.45 -3.55
CA SER C 195 -8.76 18.61 -3.94
C SER C 195 -8.28 18.96 -5.34
N PRO C 196 -6.96 19.16 -5.49
CA PRO C 196 -6.32 19.40 -6.79
C PRO C 196 -6.22 18.13 -7.70
N TYR C 197 -6.66 16.97 -7.19
CA TYR C 197 -6.52 15.71 -7.96
C TYR C 197 -7.78 15.25 -8.72
N ILE C 198 -8.85 16.03 -8.65
CA ILE C 198 -10.17 15.64 -9.16
C ILE C 198 -10.63 16.73 -10.08
N HIS C 199 -11.42 16.36 -11.08
CA HIS C 199 -11.83 17.26 -12.13
C HIS C 199 -13.22 16.86 -12.54
N PRO C 200 -13.99 17.80 -13.12
CA PRO C 200 -15.31 17.41 -13.64
C PRO C 200 -15.20 16.47 -14.86
N VAL C 201 -16.19 15.63 -15.07
CA VAL C 201 -16.37 14.99 -16.38
C VAL C 201 -16.13 16.00 -17.55
N GLY C 202 -15.20 15.69 -18.45
CA GLY C 202 -14.98 16.51 -19.63
C GLY C 202 -13.73 17.36 -19.56
N TRP C 203 -13.14 17.45 -18.35
CA TRP C 203 -11.89 18.17 -18.12
C TRP C 203 -10.72 17.76 -19.00
N CYS C 204 -10.41 16.47 -19.08
CA CYS C 204 -9.40 15.94 -20.02
C CYS C 204 -9.59 16.37 -21.48
N GLN C 205 -10.81 16.22 -22.01
CA GLN C 205 -11.03 16.59 -23.39
C GLN C 205 -10.76 18.10 -23.56
N LYS C 206 -11.14 18.94 -22.59
CA LYS C 206 -10.86 20.38 -22.69
C LYS C 206 -9.34 20.73 -22.64
N GLN C 207 -8.57 19.90 -21.97
CA GLN C 207 -7.14 20.12 -21.87
C GLN C 207 -6.33 19.42 -22.94
N GLY C 208 -6.93 18.68 -23.85
CA GLY C 208 -6.20 17.78 -24.75
C GLY C 208 -5.27 16.78 -24.04
N LYS C 209 -5.77 16.21 -22.93
CA LYS C 209 -5.13 15.16 -22.10
C LYS C 209 -5.81 13.81 -22.38
N PRO C 210 -5.05 12.70 -22.45
CA PRO C 210 -5.68 11.37 -22.43
C PRO C 210 -6.46 11.05 -21.13
N LEU C 211 -7.73 10.66 -21.27
CA LEU C 211 -8.52 10.06 -20.23
C LEU C 211 -8.36 8.54 -20.22
N THR C 212 -7.97 8.00 -19.07
CA THR C 212 -7.85 6.55 -18.91
C THR C 212 -9.25 5.97 -18.53
N PRO C 213 -9.85 5.10 -19.39
CA PRO C 213 -11.21 4.56 -19.12
C PRO C 213 -11.19 3.42 -18.10
N PRO C 214 -12.39 2.96 -17.62
CA PRO C 214 -12.31 1.87 -16.63
C PRO C 214 -11.46 0.66 -17.08
N GLN C 215 -10.94 -0.11 -16.12
CA GLN C 215 -10.12 -1.24 -16.51
C GLN C 215 -10.87 -2.11 -17.50
N ASP C 216 -10.22 -2.37 -18.65
CA ASP C 216 -10.71 -3.29 -19.67
C ASP C 216 -12.10 -2.93 -20.20
N TYR C 217 -12.36 -1.64 -20.35
CA TYR C 217 -13.58 -1.14 -20.94
C TYR C 217 -13.59 -1.65 -22.40
N PRO C 218 -14.71 -2.24 -22.90
CA PRO C 218 -14.68 -2.81 -24.28
C PRO C 218 -14.65 -1.69 -25.31
N ASP C 219 -13.66 -1.70 -26.19
CA ASP C 219 -13.40 -0.57 -27.10
C ASP C 219 -13.11 0.70 -26.28
N PRO C 220 -11.88 0.84 -25.77
CA PRO C 220 -11.60 2.00 -24.90
C PRO C 220 -11.31 3.24 -25.74
N ASP C 221 -11.06 3.02 -27.03
CA ASP C 221 -10.71 4.08 -27.97
C ASP C 221 -11.95 4.92 -28.20
N ASN C 222 -13.08 4.25 -28.44
CA ASN C 222 -14.37 4.92 -28.54
C ASN C 222 -15.08 5.28 -27.24
N PHE C 223 -14.33 5.39 -26.13
CA PHE C 223 -14.90 5.70 -24.79
C PHE C 223 -15.55 7.07 -24.84
N CYS C 224 -16.76 7.14 -24.35
CA CYS C 224 -17.55 8.34 -24.44
C CYS C 224 -18.30 8.44 -23.12
N TRP C 225 -18.13 9.58 -22.43
CA TRP C 225 -18.70 9.80 -21.10
C TRP C 225 -20.23 9.71 -21.09
N GLU C 226 -20.86 10.37 -22.05
CA GLU C 226 -22.29 10.40 -22.18
C GLU C 226 -22.88 8.98 -22.23
N LYS C 227 -22.33 8.12 -23.08
CA LYS C 227 -22.75 6.73 -23.21
C LYS C 227 -22.48 5.92 -21.92
N TYR C 228 -21.29 6.11 -21.35
CA TYR C 228 -20.92 5.43 -20.10
C TYR C 228 -21.84 5.79 -18.91
N LEU C 229 -22.18 7.08 -18.82
CA LEU C 229 -23.07 7.58 -17.77
C LEU C 229 -24.47 6.96 -17.93
N GLU C 230 -24.95 6.92 -19.19
CA GLU C 230 -26.21 6.27 -19.53
C GLU C 230 -26.24 4.79 -19.15
N GLU C 231 -25.18 4.06 -19.48
CA GLU C 231 -25.19 2.60 -19.25
C GLU C 231 -25.07 2.24 -17.75
N THR C 232 -24.39 3.10 -16.99
CA THR C 232 -24.24 2.88 -15.56
C THR C 232 -25.33 3.52 -14.67
N GLY C 233 -26.32 4.17 -15.28
CA GLY C 233 -27.43 4.86 -14.60
C GLY C 233 -26.85 5.94 -13.67
N ALA C 234 -25.76 6.61 -14.11
CA ALA C 234 -25.01 7.59 -13.27
C ALA C 234 -25.04 9.07 -13.76
N SER C 235 -24.79 10.00 -12.86
CA SER C 235 -24.67 11.46 -13.17
C SER C 235 -23.21 11.85 -12.98
N ALA C 236 -22.76 12.88 -13.69
CA ALA C 236 -21.51 13.55 -13.42
C ALA C 236 -21.69 14.45 -12.17
N VAL C 237 -20.72 14.47 -11.25
CA VAL C 237 -20.62 15.58 -10.27
C VAL C 237 -20.64 16.90 -11.04
N PRO C 238 -21.53 17.84 -10.64
CA PRO C 238 -21.64 19.10 -11.36
C PRO C 238 -20.42 19.98 -11.22
N THR C 239 -20.16 20.71 -12.28
CA THR C 239 -18.99 21.57 -12.38
C THR C 239 -18.86 22.59 -11.26
N TRP C 240 -19.99 23.13 -10.79
CA TRP C 240 -19.97 24.13 -9.71
C TRP C 240 -19.50 23.54 -8.34
N ALA C 241 -19.51 22.22 -8.17
CA ALA C 241 -19.08 21.57 -6.89
C ALA C 241 -17.56 21.60 -6.62
N PHE C 242 -16.77 21.78 -7.68
CA PHE C 242 -15.29 21.71 -7.67
C PHE C 242 -14.69 23.07 -7.32
N LYS C 243 -13.93 23.13 -6.23
CA LYS C 243 -13.40 24.39 -5.74
C LYS C 243 -11.88 24.52 -5.96
N VAL C 244 -11.43 25.70 -6.33
CA VAL C 244 -10.00 25.96 -6.49
C VAL C 244 -9.36 25.98 -5.09
N ARG C 245 -8.50 25.01 -4.78
CA ARG C 245 -7.64 25.15 -3.58
C ARG C 245 -6.42 26.05 -3.92
N PRO C 246 -6.24 27.15 -3.19
CA PRO C 246 -5.07 27.95 -3.51
C PRO C 246 -3.78 27.24 -3.07
N PRO C 247 -2.65 27.49 -3.77
CA PRO C 247 -1.33 26.99 -3.38
C PRO C 247 -0.99 27.27 -1.94
N HIS C 248 -0.27 26.37 -1.30
CA HIS C 248 0.20 26.59 0.08
C HIS C 248 1.30 27.65 0.08
N SER C 249 1.56 28.20 1.25
CA SER C 249 2.56 29.28 1.36
C SER C 249 3.90 28.91 2.02
N PHE C 250 4.18 27.61 2.19
CA PHE C 250 5.47 27.16 2.71
C PHE C 250 6.63 27.50 1.76
N LEU C 251 7.77 27.89 2.34
CA LEU C 251 8.95 28.22 1.56
C LEU C 251 10.09 27.34 2.01
N VAL C 252 11.00 27.08 1.08
CA VAL C 252 12.17 26.27 1.32
C VAL C 252 12.91 26.80 2.55
N ASN C 253 13.40 25.85 3.34
CA ASN C 253 14.17 26.13 4.54
C ASN C 253 13.36 26.44 5.78
N MET C 254 12.04 26.61 5.68
CA MET C 254 11.18 26.73 6.86
C MET C 254 11.23 25.38 7.63
N LYS C 255 11.26 25.45 8.96
CA LYS C 255 11.37 24.23 9.76
C LYS C 255 10.00 23.87 10.40
N LEU C 256 9.84 22.61 10.76
CA LEU C 256 8.53 22.16 11.28
C LEU C 256 8.81 20.83 11.94
N GLU C 257 7.74 20.13 12.28
CA GLU C 257 7.82 18.77 12.87
C GLU C 257 7.09 17.81 12.00
N ALA C 258 7.65 16.64 11.80
CA ALA C 258 6.97 15.66 10.93
C ALA C 258 7.12 14.24 11.46
N VAL C 259 6.07 13.45 11.31
CA VAL C 259 6.09 12.01 11.63
C VAL C 259 7.11 11.33 10.70
N ASP C 260 7.97 10.48 11.29
CA ASP C 260 8.91 9.67 10.53
C ASP C 260 8.13 8.59 9.81
N ARG C 261 8.17 8.55 8.49
CA ARG C 261 7.50 7.49 7.72
C ARG C 261 8.03 6.03 7.85
N ARG C 262 9.30 5.86 8.25
CA ARG C 262 9.90 4.53 8.48
C ARG C 262 9.67 4.02 9.90
N ASN C 263 9.19 4.89 10.76
CA ASN C 263 9.12 4.64 12.18
C ASN C 263 8.08 5.59 12.71
N PRO C 264 6.79 5.32 12.43
CA PRO C 264 5.79 6.36 12.73
C PRO C 264 5.47 6.59 14.22
N ALA C 265 5.99 5.79 15.16
CA ALA C 265 5.95 6.25 16.56
C ALA C 265 6.73 7.59 16.77
N LEU C 266 7.65 7.93 15.86
CA LEU C 266 8.56 9.05 16.08
C LEU C 266 8.21 10.27 15.23
N ILE C 267 8.38 11.43 15.86
CA ILE C 267 8.26 12.75 15.22
C ILE C 267 9.62 13.48 15.34
N ARG C 268 10.11 13.96 14.20
CA ARG C 268 11.44 14.55 14.09
C ARG C 268 11.37 16.03 13.66
N VAL C 269 12.45 16.76 13.95
CA VAL C 269 12.70 18.13 13.48
C VAL C 269 12.97 17.98 11.97
N ALA C 270 12.28 18.81 11.18
CA ALA C 270 12.23 18.68 9.72
C ALA C 270 12.34 20.06 9.13
N SER C 271 12.74 20.12 7.85
CA SER C 271 12.84 21.35 7.11
C SER C 271 12.17 21.13 5.79
N VAL C 272 11.67 22.22 5.21
CA VAL C 272 11.18 22.22 3.81
C VAL C 272 12.36 22.30 2.84
N GLU C 273 12.52 21.21 2.11
CA GLU C 273 13.64 21.00 1.20
C GLU C 273 13.30 21.53 -0.17
N ASP C 274 12.01 21.49 -0.53
CA ASP C 274 11.51 21.83 -1.87
C ASP C 274 9.97 21.95 -1.81
N VAL C 275 9.37 22.64 -2.78
CA VAL C 275 7.93 22.92 -2.78
C VAL C 275 7.35 22.76 -4.18
N GLU C 276 6.09 22.34 -4.24
CA GLU C 276 5.24 22.43 -5.42
C GLU C 276 4.01 23.24 -5.00
N ASP C 277 3.02 23.37 -5.88
CA ASP C 277 1.80 24.12 -5.51
C ASP C 277 1.09 23.57 -4.26
N HIS C 278 1.02 22.24 -4.14
CA HIS C 278 0.20 21.59 -3.14
C HIS C 278 0.96 20.62 -2.31
N ARG C 279 2.25 20.47 -2.62
CA ARG C 279 3.11 19.59 -1.84
C ARG C 279 4.36 20.29 -1.37
N ILE C 280 4.98 19.70 -0.34
CA ILE C 280 6.30 20.08 0.20
C ILE C 280 7.16 18.82 0.29
N LYS C 281 8.48 19.00 0.10
CA LYS C 281 9.46 17.92 0.34
C LYS C 281 10.11 18.09 1.71
N ILE C 282 10.00 17.07 2.55
CA ILE C 282 10.52 17.07 3.91
C ILE C 282 11.92 16.46 3.98
N HIS C 283 12.80 17.15 4.68
CA HIS C 283 14.13 16.67 5.04
C HIS C 283 14.22 16.59 6.57
N PHE C 284 14.67 15.46 7.08
CA PHE C 284 14.94 15.32 8.51
C PHE C 284 16.33 15.87 8.89
N ASP C 285 16.37 17.00 9.59
CA ASP C 285 17.65 17.60 9.98
C ASP C 285 18.68 16.62 10.58
N GLY C 286 19.86 16.59 9.97
CA GLY C 286 20.94 15.75 10.45
C GLY C 286 20.99 14.37 9.80
N TRP C 287 19.92 13.96 9.12
CA TRP C 287 19.85 12.67 8.45
C TRP C 287 20.19 12.81 7.00
N SER C 288 20.54 11.68 6.38
CA SER C 288 20.84 11.65 4.94
C SER C 288 19.63 12.18 4.15
N HIS C 289 19.88 12.83 3.02
CA HIS C 289 18.82 13.26 2.10
C HIS C 289 18.11 12.08 1.42
N GLY C 290 18.62 10.88 1.64
CA GLY C 290 17.97 9.67 1.12
C GLY C 290 16.66 9.46 1.82
N TYR C 291 16.53 10.00 3.04
CA TYR C 291 15.24 9.93 3.75
C TYR C 291 14.22 11.02 3.39
N ASP C 292 14.54 11.91 2.44
CA ASP C 292 13.62 13.01 2.07
C ASP C 292 12.41 12.39 1.42
N PHE C 293 11.27 13.07 1.54
CA PHE C 293 10.01 12.60 0.93
C PHE C 293 9.05 13.75 0.65
N TRP C 294 8.27 13.59 -0.41
CA TRP C 294 7.23 14.51 -0.80
C TRP C 294 5.95 14.19 -0.05
N ILE C 295 5.22 15.22 0.37
CA ILE C 295 3.99 15.06 1.16
C ILE C 295 3.00 16.19 0.82
N ASP C 296 1.70 15.89 0.86
CA ASP C 296 0.69 16.93 0.70
C ASP C 296 0.80 17.94 1.85
N ALA C 297 0.70 19.22 1.54
CA ALA C 297 0.75 20.30 2.54
C ALA C 297 -0.34 20.18 3.65
N ASP C 298 -1.50 19.59 3.34
CA ASP C 298 -2.56 19.36 4.34
C ASP C 298 -2.53 17.95 5.01
N HIS C 299 -1.45 17.21 4.85
CA HIS C 299 -1.36 15.91 5.50
C HIS C 299 -1.38 16.05 7.04
N PRO C 300 -2.18 15.22 7.72
CA PRO C 300 -2.31 15.22 9.16
C PRO C 300 -1.02 14.90 9.97
N ASP C 301 0.01 14.39 9.28
CA ASP C 301 1.30 14.11 9.90
C ASP C 301 2.44 15.17 9.79
N ILE C 302 2.11 16.40 9.37
CA ILE C 302 3.10 17.47 9.56
C ILE C 302 2.50 18.50 10.48
N HIS C 303 3.37 19.15 11.22
CA HIS C 303 2.93 19.98 12.35
C HIS C 303 3.82 21.20 12.51
N PRO C 304 3.29 22.29 13.08
CA PRO C 304 4.19 23.42 13.40
C PRO C 304 5.13 23.05 14.56
N ALA C 305 6.31 23.66 14.56
CA ALA C 305 7.21 23.69 15.70
C ALA C 305 6.47 23.99 16.99
N GLY C 306 6.77 23.21 18.03
CA GLY C 306 6.08 23.35 19.35
C GLY C 306 4.96 22.34 19.53
N TRP C 307 4.52 21.72 18.43
CA TRP C 307 3.41 20.81 18.50
C TRP C 307 3.72 19.63 19.45
N CYS C 308 4.88 18.98 19.33
CA CYS C 308 5.15 17.87 20.26
C CYS C 308 5.17 18.34 21.73
N SER C 309 5.77 19.50 21.97
CA SER C 309 5.89 20.01 23.29
C SER C 309 4.53 20.35 23.90
N LYS C 310 3.65 21.05 23.18
CA LYS C 310 2.33 21.38 23.73
C LYS C 310 1.42 20.18 23.86
N THR C 311 1.63 19.11 23.07
CA THR C 311 0.72 17.96 23.16
C THR C 311 1.23 16.81 24.07
N GLY C 312 2.51 16.87 24.50
CA GLY C 312 3.11 15.80 25.26
C GLY C 312 3.71 14.62 24.50
N HIS C 313 4.10 14.80 23.26
CA HIS C 313 4.76 13.78 22.47
C HIS C 313 6.27 14.09 22.46
N PRO C 314 7.15 13.09 22.71
CA PRO C 314 8.61 13.33 22.50
C PRO C 314 8.95 13.80 21.08
N LEU C 315 9.85 14.78 20.97
CA LEU C 315 10.36 15.22 19.67
C LEU C 315 11.79 14.71 19.50
N GLN C 316 12.12 14.12 18.36
CA GLN C 316 13.50 13.71 18.10
C GLN C 316 14.29 14.94 17.61
N PRO C 317 15.38 15.29 18.34
CA PRO C 317 16.28 16.36 17.85
C PRO C 317 16.98 16.03 16.51
N PRO C 318 17.54 17.02 15.79
CA PRO C 318 18.45 16.63 14.71
C PRO C 318 19.50 15.56 15.10
N LEU C 319 19.76 14.63 14.19
CA LEU C 319 20.83 13.68 14.36
C LEU C 319 22.18 14.48 14.32
N GLY C 320 22.94 14.49 15.43
CA GLY C 320 24.19 15.26 15.49
C GLY C 320 25.31 14.29 15.81
N PRO C 321 26.59 14.78 15.85
CA PRO C 321 27.64 13.87 16.29
C PRO C 321 27.54 13.69 17.82
N ARG D 7 3.57 -3.09 -8.48
CA ARG D 7 2.33 -3.89 -8.16
C ARG D 7 1.02 -3.10 -8.30
N HIS D 8 1.01 -1.91 -7.72
CA HIS D 8 0.10 -0.83 -8.11
C HIS D 8 0.52 -0.08 -9.38
N ARG D 9 1.64 -0.48 -9.96
CA ARG D 9 2.14 0.15 -11.21
C ARG D 9 1.32 -0.34 -12.40
N MLY D 10 0.78 0.58 -13.18
CA MLY D 10 -0.06 0.21 -14.30
CB MLY D 10 -1.30 1.09 -14.47
CG MLY D 10 -2.40 0.86 -13.41
CD MLY D 10 -3.34 2.06 -13.38
CE MLY D 10 -4.47 1.87 -12.35
NZ MLY D 10 -5.27 3.11 -12.11
CH1 MLY D 10 -5.88 3.60 -13.34
CH2 MLY D 10 -6.35 2.91 -11.07
C MLY D 10 0.79 0.28 -15.57
O MLY D 10 1.49 1.30 -15.83
N VAL D 11 0.74 -0.81 -16.33
CA VAL D 11 1.60 -1.05 -17.50
C VAL D 11 0.72 -1.54 -18.63
N LEU D 12 0.96 -1.03 -19.83
CA LEU D 12 0.30 -1.54 -21.03
C LEU D 12 0.80 -2.99 -21.36
N ARG D 13 -0.13 -3.93 -21.50
CA ARG D 13 0.17 -5.34 -21.70
C ARG D 13 -0.77 -5.88 -22.75
N ASP D 14 -0.41 -7.07 -23.26
CA ASP D 14 -1.26 -7.82 -24.17
C ASP D 14 -1.40 -9.17 -23.52
N ASN D 15 -2.00 -10.13 -24.21
CA ASN D 15 -1.96 -11.49 -23.67
C ASN D 15 -0.93 -12.38 -24.40
N TRP E 7 23.23 3.09 68.94
CA TRP E 7 22.98 1.77 68.30
C TRP E 7 23.71 1.62 66.96
N SER E 8 24.43 0.51 66.80
CA SER E 8 25.18 0.31 65.58
C SER E 8 25.03 -1.11 65.12
N TRP E 9 24.96 -1.28 63.80
CA TRP E 9 24.88 -2.59 63.18
C TRP E 9 26.11 -3.44 63.56
N GLU E 10 27.27 -2.81 63.58
CA GLU E 10 28.56 -3.47 63.86
C GLU E 10 28.58 -4.19 65.21
N SER E 11 28.17 -3.52 66.30
CA SER E 11 28.16 -4.16 67.63
C SER E 11 27.04 -5.19 67.76
N TYR E 12 25.90 -4.91 67.14
CA TYR E 12 24.78 -5.82 67.19
C TYR E 12 25.12 -7.15 66.52
N LEU E 13 25.79 -7.10 65.38
CA LEU E 13 26.21 -8.31 64.68
C LEU E 13 27.22 -9.14 65.50
N GLU E 14 28.09 -8.44 66.22
CA GLU E 14 29.06 -9.06 67.11
C GLU E 14 28.36 -9.77 68.29
N GLU E 15 27.38 -9.10 68.90
CA GLU E 15 26.58 -9.69 69.98
C GLU E 15 25.80 -10.92 69.52
N GLN E 16 25.22 -10.83 68.32
CA GLN E 16 24.36 -11.89 67.80
C GLN E 16 25.12 -12.96 67.02
N LYS E 17 26.40 -12.72 66.78
CA LYS E 17 27.25 -13.61 65.97
C LYS E 17 26.54 -13.92 64.64
N ALA E 18 26.09 -12.83 64.00
CA ALA E 18 25.30 -12.89 62.78
C ALA E 18 25.96 -12.13 61.63
N ILE E 19 25.37 -12.26 60.45
CA ILE E 19 25.79 -11.54 59.24
C ILE E 19 24.62 -10.75 58.67
N THR E 20 24.92 -9.77 57.85
CA THR E 20 23.89 -9.07 57.13
C THR E 20 23.88 -9.60 55.70
N ALA E 21 22.68 -9.67 55.10
CA ALA E 21 22.51 -9.96 53.68
C ALA E 21 23.41 -9.02 52.87
N PRO E 22 24.35 -9.56 52.05
CA PRO E 22 25.22 -8.64 51.29
C PRO E 22 24.50 -7.80 50.27
N VAL E 23 25.03 -6.64 49.98
CA VAL E 23 24.39 -5.65 49.13
C VAL E 23 24.11 -6.22 47.74
N SER E 24 24.99 -7.12 47.28
CA SER E 24 24.85 -7.76 45.95
C SER E 24 23.59 -8.64 45.76
N LEU E 25 22.89 -8.91 46.88
CA LEU E 25 21.71 -9.78 46.90
C LEU E 25 20.40 -9.04 46.56
N PHE E 26 20.42 -7.71 46.65
CA PHE E 26 19.29 -6.86 46.39
C PHE E 26 19.32 -6.33 44.95
N GLN E 27 18.18 -5.85 44.48
CA GLN E 27 18.12 -5.05 43.26
C GLN E 27 18.85 -3.72 43.47
N ASP E 28 19.50 -3.21 42.43
CA ASP E 28 20.09 -1.86 42.50
C ASP E 28 19.13 -0.85 43.12
N SER E 29 17.84 -0.92 42.73
CA SER E 29 16.82 0.01 43.24
C SER E 29 16.51 -0.08 44.79
N GLN E 30 16.59 -1.29 45.35
CA GLN E 30 16.54 -1.56 46.80
C GLN E 30 17.76 -1.08 47.56
N ALA E 31 18.90 -1.08 46.90
CA ALA E 31 20.19 -0.81 47.58
C ALA E 31 20.66 0.64 47.51
N VAL E 32 20.22 1.36 46.47
CA VAL E 32 20.81 2.69 46.17
C VAL E 32 20.55 3.76 47.28
N THR E 33 21.62 4.43 47.72
CA THR E 33 21.59 5.37 48.83
C THR E 33 22.11 6.77 48.43
N HIS E 34 22.79 6.87 47.30
CA HIS E 34 23.40 8.14 46.92
C HIS E 34 22.48 9.09 46.13
N ASN E 35 21.27 8.66 45.74
CA ASN E 35 20.36 9.62 45.10
C ASN E 35 19.75 10.51 46.14
N LYS E 36 19.72 11.79 45.87
CA LYS E 36 19.03 12.70 46.76
C LYS E 36 17.52 12.61 46.54
N ASN E 37 16.72 12.76 47.60
CA ASN E 37 15.28 12.95 47.48
C ASN E 37 14.94 14.39 47.07
N GLY E 38 14.45 14.58 45.85
CA GLY E 38 14.11 15.92 45.36
C GLY E 38 12.65 16.27 45.58
N PHE E 39 11.87 15.35 46.15
CA PHE E 39 10.45 15.68 46.49
C PHE E 39 10.33 16.58 47.72
N LYS E 40 9.40 17.53 47.62
CA LYS E 40 9.22 18.60 48.59
C LYS E 40 7.77 18.61 49.02
N LEU E 41 7.55 18.98 50.28
CA LEU E 41 6.20 19.16 50.86
C LEU E 41 5.26 19.98 49.97
N GLY E 42 4.06 19.46 49.71
CA GLY E 42 3.07 20.12 48.89
C GLY E 42 3.13 19.91 47.40
N MET E 43 4.19 19.30 46.93
CA MET E 43 4.25 19.02 45.50
C MET E 43 3.14 18.10 45.07
N LYS E 44 2.57 18.37 43.92
CA LYS E 44 1.51 17.52 43.32
C LYS E 44 2.03 16.55 42.21
N LEU E 45 1.41 15.37 42.12
CA LEU E 45 1.72 14.36 41.14
C LEU E 45 0.54 13.42 40.96
N GLU E 46 0.74 12.36 40.18
CA GLU E 46 -0.29 11.33 39.95
C GLU E 46 0.29 9.97 40.38
N GLY E 47 -0.56 9.05 40.81
CA GLY E 47 -0.01 7.72 41.10
C GLY E 47 -1.08 6.66 41.31
N ILE E 48 -0.62 5.41 41.39
CA ILE E 48 -1.46 4.25 41.55
C ILE E 48 -1.99 4.23 42.98
N ASP E 49 -3.23 3.81 43.12
CA ASP E 49 -3.82 3.56 44.44
C ASP E 49 -3.33 2.16 44.89
N PRO E 50 -2.52 2.06 45.99
CA PRO E 50 -2.07 0.75 46.47
C PRO E 50 -3.15 -0.27 46.68
N GLN E 51 -4.38 0.14 47.05
CA GLN E 51 -5.51 -0.82 47.24
C GLN E 51 -6.25 -1.22 45.95
N HIS E 52 -6.02 -0.45 44.88
CA HIS E 52 -6.67 -0.59 43.59
C HIS E 52 -5.62 -0.28 42.53
N PRO E 53 -4.73 -1.25 42.29
CA PRO E 53 -3.49 -1.04 41.53
C PRO E 53 -3.73 -0.61 40.08
N SER E 54 -4.96 -0.76 39.59
CA SER E 54 -5.28 -0.31 38.22
C SER E 54 -5.70 1.18 38.10
N MET E 55 -5.87 1.90 39.23
CA MET E 55 -6.46 3.23 39.24
C MET E 55 -5.47 4.30 39.64
N TYR E 56 -5.57 5.48 39.00
CA TYR E 56 -4.66 6.61 39.23
C TYR E 56 -5.44 7.77 39.83
N PHE E 57 -4.77 8.47 40.73
CA PHE E 57 -5.29 9.57 41.51
C PHE E 57 -4.26 10.70 41.51
N ILE E 58 -4.73 11.91 41.78
CA ILE E 58 -3.89 13.04 42.14
C ILE E 58 -3.45 12.89 43.60
N LEU E 59 -2.13 13.02 43.81
CA LEU E 59 -1.48 12.88 45.07
C LEU E 59 -0.66 14.10 45.39
N THR E 60 -0.53 14.40 46.68
CA THR E 60 0.34 15.47 47.16
C THR E 60 1.33 14.87 48.13
N VAL E 61 2.57 15.38 48.08
CA VAL E 61 3.57 15.09 49.12
C VAL E 61 3.23 15.67 50.52
N ALA E 62 2.92 14.76 51.47
CA ALA E 62 2.45 15.12 52.80
C ALA E 62 3.61 15.20 53.79
N GLU E 63 4.65 14.44 53.52
CA GLU E 63 5.77 14.28 54.46
C GLU E 63 6.91 13.62 53.67
N VAL E 64 8.15 13.94 54.03
CA VAL E 64 9.32 13.35 53.39
C VAL E 64 10.25 12.86 54.52
N CYS E 65 10.80 11.65 54.39
CA CYS E 65 11.70 11.13 55.38
C CYS E 65 12.79 10.33 54.66
N GLY E 66 14.01 10.87 54.61
CA GLY E 66 15.13 10.26 53.88
C GLY E 66 14.75 10.13 52.42
N TYR E 67 14.77 8.89 51.91
CA TYR E 67 14.51 8.60 50.50
C TYR E 67 13.07 8.12 50.34
N ARG E 68 12.26 8.31 51.39
CA ARG E 68 10.83 7.99 51.38
C ARG E 68 9.91 9.22 51.42
N LEU E 69 8.69 9.06 50.97
CA LEU E 69 7.71 10.13 50.98
C LEU E 69 6.30 9.59 51.31
N ARG E 70 5.53 10.38 52.06
CA ARG E 70 4.19 10.00 52.38
C ARG E 70 3.31 10.81 51.43
N LEU E 71 2.45 10.09 50.72
CA LEU E 71 1.51 10.70 49.74
C LEU E 71 0.08 10.74 50.25
N HIS E 72 -0.64 11.82 49.89
CA HIS E 72 -1.96 12.08 50.32
C HIS E 72 -2.90 12.13 49.10
N PHE E 73 -4.03 11.45 49.18
CA PHE E 73 -5.05 11.51 48.06
C PHE E 73 -5.84 12.80 48.18
N ASP E 74 -5.60 13.75 47.28
CA ASP E 74 -6.33 15.04 47.24
C ASP E 74 -7.88 14.90 47.26
N GLY E 75 -8.54 15.57 48.19
CA GLY E 75 -10.01 15.53 48.36
C GLY E 75 -10.49 14.38 49.19
N TYR E 76 -9.59 13.50 49.61
CA TYR E 76 -9.96 12.30 50.37
C TYR E 76 -9.31 12.36 51.74
N SER E 77 -9.62 11.38 52.55
CA SER E 77 -9.22 11.42 53.94
C SER E 77 -7.73 11.06 54.12
N GLU E 78 -7.08 11.71 55.09
CA GLU E 78 -5.69 11.45 55.48
C GLU E 78 -5.43 10.01 56.01
N CYS E 79 -6.49 9.28 56.37
CA CYS E 79 -6.30 7.86 56.72
C CYS E 79 -5.93 6.93 55.54
N HIS E 80 -6.01 7.43 54.30
CA HIS E 80 -5.52 6.66 53.14
C HIS E 80 -4.09 7.00 52.72
N ASP E 81 -3.42 7.89 53.45
CA ASP E 81 -2.02 8.27 53.13
C ASP E 81 -1.13 6.99 53.06
N PHE E 82 -0.13 6.97 52.21
CA PHE E 82 0.71 5.79 52.12
C PHE E 82 2.16 6.24 51.82
N TRP E 83 3.14 5.39 52.12
CA TRP E 83 4.55 5.65 51.86
C TRP E 83 5.05 4.94 50.63
N VAL E 84 5.90 5.61 49.84
CA VAL E 84 6.63 5.04 48.67
C VAL E 84 8.09 5.51 48.80
N ASN E 85 8.99 4.88 48.05
CA ASN E 85 10.35 5.39 47.93
C ASN E 85 10.38 6.40 46.83
N ALA E 86 11.35 7.32 46.89
CA ALA E 86 11.47 8.36 45.86
C ALA E 86 11.83 7.74 44.50
N ASN E 87 12.37 6.52 44.46
CA ASN E 87 12.53 5.87 43.10
C ASN E 87 11.37 4.94 42.66
N SER E 88 10.21 5.15 43.24
CA SER E 88 9.02 4.34 42.94
C SER E 88 8.59 4.46 41.50
N PRO E 89 8.36 3.33 40.84
CA PRO E 89 7.79 3.45 39.48
C PRO E 89 6.26 3.69 39.42
N ASP E 90 5.61 3.76 40.58
CA ASP E 90 4.13 3.79 40.72
C ASP E 90 3.59 5.23 40.89
N ILE E 91 4.47 6.23 40.69
CA ILE E 91 4.11 7.63 40.71
C ILE E 91 4.55 8.27 39.42
N HIS E 92 3.83 9.30 38.92
CA HIS E 92 4.14 9.91 37.64
C HIS E 92 3.94 11.38 37.72
N PRO E 93 4.57 12.13 36.82
CA PRO E 93 4.36 13.59 36.91
C PRO E 93 2.95 14.06 36.45
N ALA E 94 2.51 15.25 36.92
CA ALA E 94 1.30 15.89 36.49
C ALA E 94 1.21 15.91 34.96
N GLY E 95 0.10 15.43 34.41
CA GLY E 95 -0.12 15.49 32.96
C GLY E 95 0.04 14.12 32.34
N TRP E 96 0.74 13.23 33.04
CA TRP E 96 1.09 11.92 32.48
C TRP E 96 -0.14 11.11 31.97
N PHE E 97 -1.21 11.07 32.77
CA PHE E 97 -2.35 10.25 32.41
C PHE E 97 -2.98 10.68 31.04
N GLU E 98 -3.06 12.00 30.77
CA GLU E 98 -3.70 12.51 29.53
C GLU E 98 -2.80 12.21 28.31
N LYS E 99 -1.49 12.09 28.53
CA LYS E 99 -0.51 11.91 27.47
C LYS E 99 -0.27 10.43 27.17
N THR E 100 -0.79 9.54 28.02
CA THR E 100 -0.45 8.10 27.92
C THR E 100 -1.68 7.21 27.90
N GLY E 101 -2.88 7.78 27.86
CA GLY E 101 -4.09 6.95 27.72
C GLY E 101 -4.55 6.27 29.03
N HIS E 102 -4.27 6.89 30.17
CA HIS E 102 -4.71 6.33 31.44
C HIS E 102 -5.81 7.17 32.03
N LYS E 103 -6.71 6.53 32.77
CA LYS E 103 -7.80 7.22 33.39
C LYS E 103 -7.39 7.74 34.76
N LEU E 104 -7.82 8.97 35.04
CA LEU E 104 -7.74 9.59 36.36
C LEU E 104 -9.05 9.51 37.13
N GLN E 105 -8.91 9.22 38.42
CA GLN E 105 -9.99 9.37 39.34
C GLN E 105 -9.65 10.73 39.95
N PRO E 106 -10.50 11.74 39.69
CA PRO E 106 -10.21 13.10 40.13
C PRO E 106 -10.41 13.29 41.66
N PRO E 107 -9.99 14.45 42.18
CA PRO E 107 -10.18 14.79 43.60
C PRO E 107 -11.69 14.76 43.90
N LYS E 108 -12.03 14.42 45.14
CA LYS E 108 -13.40 14.16 45.48
C LYS E 108 -14.21 15.41 45.17
N GLY E 109 -15.28 15.28 44.41
CA GLY E 109 -16.12 16.42 44.02
C GLY E 109 -15.97 16.89 42.59
N TYR E 110 -14.95 16.42 41.87
CA TYR E 110 -14.75 16.74 40.46
C TYR E 110 -15.33 15.65 39.56
N LYS E 111 -15.71 16.01 38.33
CA LYS E 111 -15.99 15.03 37.25
C LYS E 111 -14.68 14.74 36.51
N GLU E 112 -14.53 13.51 36.03
CA GLU E 112 -13.32 13.15 35.30
C GLU E 112 -13.10 14.15 34.14
N GLU E 113 -14.19 14.40 33.40
CA GLU E 113 -14.19 15.31 32.26
C GLU E 113 -14.17 16.83 32.56
N GLU E 114 -14.21 17.21 33.83
CA GLU E 114 -14.01 18.63 34.22
C GLU E 114 -12.74 18.85 35.08
N PHE E 115 -11.84 17.86 35.05
CA PHE E 115 -10.54 18.06 35.62
C PHE E 115 -9.52 18.58 34.61
N SER E 116 -8.86 19.68 34.99
CA SER E 116 -7.67 20.11 34.25
C SER E 116 -6.54 20.53 35.22
N TRP E 117 -5.33 20.01 34.96
CA TRP E 117 -4.15 20.38 35.72
C TRP E 117 -3.88 21.88 35.76
N SER E 118 -3.95 22.58 34.63
CA SER E 118 -3.63 24.01 34.66
C SER E 118 -4.63 24.77 35.51
N GLN E 119 -5.91 24.45 35.42
CA GLN E 119 -6.91 25.00 36.31
C GLN E 119 -6.72 24.59 37.80
N TYR E 120 -6.43 23.32 38.07
CA TYR E 120 -6.26 22.90 39.46
C TYR E 120 -4.99 23.51 40.07
N LEU E 121 -3.91 23.61 39.32
CA LEU E 121 -2.71 24.29 39.85
C LEU E 121 -2.92 25.78 40.11
N ARG E 122 -3.70 26.44 39.26
CA ARG E 122 -4.20 27.79 39.50
C ARG E 122 -5.13 27.90 40.75
N SER E 123 -6.11 27.00 40.95
CA SER E 123 -6.96 27.04 42.17
C SER E 123 -6.16 26.80 43.44
N THR E 124 -5.23 25.88 43.39
CA THR E 124 -4.48 25.52 44.60
C THR E 124 -3.21 26.35 44.81
N ARG E 125 -2.73 27.01 43.75
CA ARG E 125 -1.45 27.72 43.75
C ARG E 125 -0.33 26.79 44.17
N ALA E 126 -0.47 25.51 43.84
CA ALA E 126 0.54 24.49 44.13
C ALA E 126 1.50 24.28 42.99
N GLN E 127 2.59 23.62 43.31
CA GLN E 127 3.63 23.25 42.38
C GLN E 127 3.47 21.75 42.00
N ALA E 128 3.53 21.45 40.69
CA ALA E 128 3.67 20.09 40.20
C ALA E 128 5.11 19.57 40.49
N ALA E 129 5.26 18.39 41.10
CA ALA E 129 6.60 17.80 41.23
C ALA E 129 7.31 17.82 39.86
N PRO E 130 8.55 18.38 39.74
CA PRO E 130 9.13 18.39 38.34
C PRO E 130 9.40 17.01 37.77
N LYS E 131 9.28 16.89 36.44
CA LYS E 131 9.38 15.63 35.72
C LYS E 131 10.65 14.77 36.00
N HIS E 132 11.80 15.41 36.19
CA HIS E 132 13.08 14.69 36.34
C HIS E 132 13.17 13.79 37.62
N LEU E 133 12.26 13.97 38.58
CA LEU E 133 12.22 13.17 39.80
C LEU E 133 11.78 11.69 39.62
N PHE E 134 11.07 11.43 38.52
CA PHE E 134 10.22 10.27 38.32
C PHE E 134 11.01 9.25 37.50
N VAL E 135 11.18 8.06 38.05
CA VAL E 135 11.94 7.03 37.28
C VAL E 135 11.06 6.50 36.13
N SER E 136 9.74 6.68 36.24
CA SER E 136 8.79 6.10 35.29
C SER E 136 7.86 7.20 34.73
N GLN E 137 8.12 7.58 33.47
CA GLN E 137 7.27 8.55 32.74
C GLN E 137 6.78 8.03 31.38
N SER E 138 6.79 6.71 31.20
CA SER E 138 6.48 6.06 29.90
C SER E 138 7.44 6.48 28.73
N HIS E 139 8.72 6.67 29.05
CA HIS E 139 9.73 7.00 28.04
C HIS E 139 10.68 5.84 27.79
N SER E 140 10.63 4.82 28.63
CA SER E 140 11.49 3.63 28.53
C SER E 140 10.92 2.60 27.58
N PRO E 141 11.79 1.87 26.85
CA PRO E 141 11.36 0.71 26.06
C PRO E 141 10.35 -0.20 26.79
N PRO E 142 9.33 -0.70 26.06
CA PRO E 142 8.25 -1.48 26.71
C PRO E 142 8.77 -2.87 27.06
N PRO E 143 7.97 -3.70 27.77
CA PRO E 143 8.45 -5.07 27.96
C PRO E 143 8.23 -5.83 26.64
N LEU E 144 9.30 -6.33 26.03
CA LEU E 144 9.20 -7.01 24.74
C LEU E 144 8.10 -8.08 24.70
N GLY E 145 7.10 -7.86 23.84
CA GLY E 145 6.10 -8.87 23.50
C GLY E 145 4.78 -8.81 24.25
N PHE E 146 4.71 -8.04 25.34
CA PHE E 146 3.49 -7.89 26.15
C PHE E 146 2.72 -6.62 25.71
N GLN E 147 1.62 -6.85 25.00
CA GLN E 147 0.75 -5.76 24.53
C GLN E 147 -0.56 -5.73 25.32
N VAL E 148 -1.08 -4.51 25.56
CA VAL E 148 -2.42 -4.32 26.14
C VAL E 148 -3.45 -5.18 25.35
N GLY E 149 -4.20 -5.99 26.09
CA GLY E 149 -5.32 -6.77 25.55
C GLY E 149 -4.90 -8.19 25.27
N MET E 150 -3.59 -8.46 25.32
CA MET E 150 -3.09 -9.83 25.13
C MET E 150 -3.34 -10.66 26.38
N LYS E 151 -3.41 -11.97 26.24
CA LYS E 151 -3.83 -12.85 27.32
C LYS E 151 -2.75 -13.87 27.71
N LEU E 152 -2.94 -14.45 28.89
CA LEU E 152 -1.96 -15.31 29.51
C LEU E 152 -2.57 -16.02 30.74
N GLU E 153 -1.77 -16.86 31.40
CA GLU E 153 -2.15 -17.48 32.65
C GLU E 153 -1.36 -16.89 33.77
N ALA E 154 -2.06 -16.48 34.83
CA ALA E 154 -1.41 -15.84 36.00
C ALA E 154 -1.85 -16.50 37.32
N VAL E 155 -0.94 -16.59 38.27
CA VAL E 155 -1.28 -16.96 39.66
C VAL E 155 -2.14 -15.83 40.31
N ASP E 156 -3.28 -16.21 40.91
CA ASP E 156 -3.95 -15.29 41.85
C ASP E 156 -3.09 -15.22 43.16
N ARG E 157 -2.32 -14.16 43.35
CA ARG E 157 -1.44 -14.07 44.53
C ARG E 157 -2.16 -13.92 45.88
N MET E 158 -3.45 -13.57 45.85
CA MET E 158 -4.26 -13.62 47.07
C MET E 158 -4.95 -14.97 47.28
N ASN E 159 -4.95 -15.79 46.24
CA ASN E 159 -5.40 -17.19 46.33
C ASN E 159 -4.38 -18.08 45.62
N PRO E 160 -3.18 -18.25 46.25
CA PRO E 160 -1.99 -18.70 45.51
C PRO E 160 -2.06 -20.13 44.88
N SER E 161 -3.15 -20.88 45.08
CA SER E 161 -3.25 -22.22 44.50
C SER E 161 -3.98 -22.21 43.14
N LEU E 162 -4.44 -21.03 42.76
CA LEU E 162 -5.23 -20.82 41.53
C LEU E 162 -4.40 -20.14 40.46
N VAL E 163 -4.34 -20.76 39.29
CA VAL E 163 -3.74 -20.17 38.11
C VAL E 163 -4.89 -19.90 37.12
N CYS E 164 -4.97 -18.65 36.62
CA CYS E 164 -6.19 -18.16 35.99
C CYS E 164 -6.04 -17.40 34.68
N VAL E 165 -7.15 -17.39 33.93
CA VAL E 165 -7.26 -16.63 32.68
C VAL E 165 -7.01 -15.13 32.98
N ALA E 166 -5.93 -14.58 32.44
CA ALA E 166 -5.59 -13.21 32.77
C ALA E 166 -5.27 -12.43 31.49
N SER E 167 -5.26 -11.11 31.61
CA SER E 167 -4.89 -10.27 30.48
C SER E 167 -4.04 -9.06 30.84
N VAL E 168 -3.27 -8.62 29.87
CA VAL E 168 -2.46 -7.44 30.05
C VAL E 168 -3.39 -6.23 29.87
N THR E 169 -3.54 -5.41 30.90
CA THR E 169 -4.46 -4.28 30.73
C THR E 169 -3.79 -2.90 30.73
N ASP E 170 -2.48 -2.87 31.00
CA ASP E 170 -1.82 -1.58 31.13
C ASP E 170 -0.36 -1.87 30.98
N VAL E 171 0.32 -1.00 30.22
CA VAL E 171 1.75 -1.06 30.01
C VAL E 171 2.34 0.32 30.28
N VAL E 172 3.27 0.33 31.23
CA VAL E 172 4.02 1.45 31.64
C VAL E 172 5.52 1.08 31.71
N ASP E 173 6.33 1.69 30.85
CA ASP E 173 7.78 1.44 30.83
C ASP E 173 8.07 -0.06 30.68
N SER E 174 8.89 -0.61 31.57
CA SER E 174 9.22 -2.06 31.54
C SER E 174 8.16 -2.94 32.23
N ARG E 175 7.09 -2.34 32.71
CA ARG E 175 6.12 -3.09 33.47
C ARG E 175 4.73 -3.10 32.84
N PHE E 176 3.98 -4.14 33.18
CA PHE E 176 2.56 -4.31 32.74
C PHE E 176 1.69 -4.82 33.92
N LEU E 177 0.39 -4.47 33.85
CA LEU E 177 -0.60 -4.88 34.79
C LEU E 177 -1.29 -6.14 34.31
N VAL E 178 -1.34 -7.12 35.21
CA VAL E 178 -2.05 -8.38 34.99
C VAL E 178 -3.44 -8.29 35.66
N HIS E 179 -4.48 -8.55 34.88
CA HIS E 179 -5.86 -8.45 35.32
C HIS E 179 -6.53 -9.82 35.16
N PHE E 180 -7.38 -10.17 36.12
CA PHE E 180 -8.10 -11.43 36.07
C PHE E 180 -9.43 -11.30 35.42
N ASP E 181 -9.58 -11.97 34.28
CA ASP E 181 -10.74 -11.81 33.43
C ASP E 181 -12.02 -12.01 34.23
N ASN E 182 -12.82 -10.94 34.23
CA ASN E 182 -14.12 -10.83 34.90
C ASN E 182 -14.14 -10.77 36.43
N TRP E 183 -13.00 -10.42 37.03
CA TRP E 183 -12.94 -10.06 38.45
C TRP E 183 -12.65 -8.58 38.53
N ASP E 184 -12.73 -8.04 39.73
CA ASP E 184 -12.41 -6.62 39.89
C ASP E 184 -10.92 -6.47 40.14
N ASP E 185 -10.44 -5.24 39.99
CA ASP E 185 -9.04 -4.92 40.01
C ASP E 185 -8.30 -5.16 41.34
N THR E 186 -9.00 -5.47 42.42
CA THR E 186 -8.35 -5.77 43.73
C THR E 186 -7.37 -6.97 43.65
N TYR E 187 -7.54 -7.83 42.63
CA TYR E 187 -6.67 -8.95 42.31
C TYR E 187 -5.52 -8.64 41.33
N ASP E 188 -5.59 -7.47 40.71
CA ASP E 188 -4.62 -7.05 39.72
C ASP E 188 -3.22 -6.90 40.37
N TYR E 189 -2.16 -7.18 39.62
CA TYR E 189 -0.85 -6.79 40.13
C TYR E 189 0.08 -6.48 38.98
N TRP E 190 1.06 -5.62 39.27
CA TRP E 190 2.06 -5.18 38.30
C TRP E 190 3.21 -6.14 38.22
N CYS E 191 3.65 -6.38 36.96
CA CYS E 191 4.65 -7.39 36.63
C CYS E 191 5.71 -6.88 35.68
N ASP E 192 6.75 -7.69 35.53
CA ASP E 192 7.60 -7.59 34.37
C ASP E 192 7.80 -9.00 33.73
N PRO E 193 8.39 -9.08 32.50
CA PRO E 193 8.54 -10.35 31.78
C PRO E 193 9.17 -11.53 32.57
N SER E 194 9.99 -11.26 33.58
CA SER E 194 10.59 -12.36 34.33
C SER E 194 9.82 -12.72 35.60
N SER E 195 8.60 -12.21 35.75
CA SER E 195 7.77 -12.57 36.90
C SER E 195 7.47 -14.10 36.98
N PRO E 196 7.67 -14.72 38.19
CA PRO E 196 7.43 -16.14 38.38
C PRO E 196 5.95 -16.51 38.36
N TYR E 197 5.06 -15.52 38.43
CA TYR E 197 3.61 -15.73 38.62
C TYR E 197 2.79 -15.73 37.35
N ILE E 198 3.45 -15.53 36.21
CA ILE E 198 2.79 -15.48 34.91
C ILE E 198 3.33 -16.56 33.98
N HIS E 199 2.46 -17.04 33.10
CA HIS E 199 2.69 -18.20 32.22
C HIS E 199 1.99 -18.01 30.89
N PRO E 200 2.55 -18.57 29.79
CA PRO E 200 1.81 -18.46 28.54
C PRO E 200 0.48 -19.27 28.56
N VAL E 201 -0.48 -18.84 27.74
CA VAL E 201 -1.65 -19.62 27.34
C VAL E 201 -1.18 -21.04 27.00
N GLY E 202 -1.74 -22.03 27.70
CA GLY E 202 -1.36 -23.42 27.48
C GLY E 202 -0.49 -23.95 28.59
N TRP E 203 0.05 -23.08 29.44
CA TRP E 203 0.96 -23.53 30.51
C TRP E 203 0.36 -24.65 31.37
N CYS E 204 -0.82 -24.41 31.95
CA CYS E 204 -1.51 -25.32 32.90
C CYS E 204 -1.75 -26.72 32.33
N GLN E 205 -2.10 -26.79 31.06
CA GLN E 205 -2.44 -28.07 30.45
C GLN E 205 -1.21 -28.87 30.03
N LYS E 206 -0.09 -28.18 29.76
CA LYS E 206 1.19 -28.88 29.53
C LYS E 206 1.84 -29.35 30.86
N GLN E 207 1.26 -28.93 32.00
CA GLN E 207 1.73 -29.32 33.34
C GLN E 207 0.77 -30.30 34.05
N GLY E 208 -0.39 -30.54 33.43
CA GLY E 208 -1.48 -31.29 34.05
C GLY E 208 -2.20 -30.54 35.17
N LYS E 209 -2.09 -29.20 35.17
CA LYS E 209 -2.60 -28.36 36.25
C LYS E 209 -3.96 -27.71 35.92
N PRO E 210 -4.93 -27.71 36.88
CA PRO E 210 -6.24 -27.07 36.66
C PRO E 210 -6.25 -25.53 36.43
N LEU E 211 -6.80 -25.10 35.31
CA LEU E 211 -6.89 -23.68 34.97
C LEU E 211 -8.23 -23.07 35.43
N THR E 212 -8.19 -21.98 36.20
CA THR E 212 -9.42 -21.24 36.60
C THR E 212 -9.89 -20.26 35.48
N PRO E 213 -11.14 -20.44 35.01
CA PRO E 213 -11.65 -19.64 33.91
C PRO E 213 -12.22 -18.31 34.42
N PRO E 214 -12.56 -17.37 33.53
CA PRO E 214 -13.13 -16.10 34.00
C PRO E 214 -14.35 -16.28 34.90
N GLN E 215 -14.56 -15.38 35.88
CA GLN E 215 -15.62 -15.53 36.84
C GLN E 215 -16.94 -15.75 36.09
N ASP E 216 -17.66 -16.80 36.50
CA ASP E 216 -18.99 -17.03 35.93
C ASP E 216 -18.93 -17.40 34.43
N TYR E 217 -17.79 -18.07 34.01
CA TYR E 217 -17.76 -18.51 32.60
C TYR E 217 -18.75 -19.67 32.43
N PRO E 218 -19.57 -19.65 31.35
CA PRO E 218 -20.53 -20.76 31.20
C PRO E 218 -19.75 -22.03 30.83
N ASP E 219 -20.19 -23.13 31.53
CA ASP E 219 -19.58 -24.45 31.34
C ASP E 219 -18.04 -24.45 31.59
N PRO E 220 -17.62 -24.04 32.80
CA PRO E 220 -16.21 -23.74 33.13
C PRO E 220 -15.20 -24.91 33.06
N ASP E 221 -15.67 -26.15 33.21
CA ASP E 221 -14.80 -27.32 33.06
C ASP E 221 -14.31 -27.41 31.61
N ASN E 222 -15.20 -27.06 30.67
CA ASN E 222 -14.86 -27.07 29.24
C ASN E 222 -14.48 -25.70 28.65
N PHE E 223 -13.75 -24.89 29.42
CA PHE E 223 -13.19 -23.65 28.91
C PHE E 223 -12.10 -24.01 27.91
N CYS E 224 -12.15 -23.33 26.77
CA CYS E 224 -11.26 -23.61 25.67
C CYS E 224 -10.58 -22.32 25.19
N TRP E 225 -9.26 -22.22 25.41
CA TRP E 225 -8.50 -20.98 25.10
C TRP E 225 -8.70 -20.45 23.67
N GLU E 226 -8.73 -21.37 22.68
CA GLU E 226 -8.95 -21.05 21.26
C GLU E 226 -10.24 -20.28 20.97
N LYS E 227 -11.39 -20.86 21.34
CA LYS E 227 -12.69 -20.18 21.22
C LYS E 227 -12.73 -18.84 21.98
N TYR E 228 -12.10 -18.84 23.14
CA TYR E 228 -12.09 -17.66 23.99
C TYR E 228 -11.29 -16.55 23.36
N LEU E 229 -10.13 -16.90 22.81
CA LEU E 229 -9.32 -15.90 22.13
C LEU E 229 -10.09 -15.37 20.91
N GLU E 230 -10.73 -16.25 20.12
CA GLU E 230 -11.54 -15.83 18.97
C GLU E 230 -12.73 -14.93 19.37
N GLU E 231 -13.50 -15.34 20.39
CA GLU E 231 -14.67 -14.54 20.79
C GLU E 231 -14.30 -13.15 21.37
N THR E 232 -13.13 -13.06 22.00
CA THR E 232 -12.66 -11.79 22.55
C THR E 232 -11.79 -10.96 21.57
N GLY E 233 -11.49 -11.50 20.39
CA GLY E 233 -10.63 -10.81 19.40
C GLY E 233 -9.24 -10.54 19.95
N ALA E 234 -8.77 -11.41 20.83
CA ALA E 234 -7.47 -11.27 21.49
C ALA E 234 -6.45 -12.30 21.00
N SER E 235 -5.18 -11.99 21.25
CA SER E 235 -4.00 -12.80 20.94
C SER E 235 -3.41 -13.24 22.29
N ALA E 236 -2.78 -14.41 22.34
CA ALA E 236 -1.95 -14.77 23.50
C ALA E 236 -0.62 -13.96 23.43
N VAL E 237 -0.10 -13.52 24.59
CA VAL E 237 1.33 -13.15 24.73
C VAL E 237 2.18 -14.33 24.23
N PRO E 238 3.07 -14.05 23.26
CA PRO E 238 3.93 -15.10 22.70
C PRO E 238 4.89 -15.73 23.75
N THR E 239 5.14 -17.02 23.63
CA THR E 239 5.99 -17.77 24.58
C THR E 239 7.39 -17.21 24.75
N TRP E 240 7.98 -16.69 23.66
CA TRP E 240 9.32 -16.07 23.72
C TRP E 240 9.42 -14.81 24.63
N ALA E 241 8.29 -14.17 24.91
CA ALA E 241 8.22 -12.97 25.79
C ALA E 241 8.51 -13.22 27.28
N PHE E 242 8.23 -14.47 27.72
CA PHE E 242 8.32 -14.89 29.13
C PHE E 242 9.77 -15.26 29.41
N LYS E 243 10.43 -14.49 30.27
CA LYS E 243 11.83 -14.73 30.63
C LYS E 243 11.92 -15.36 32.02
N VAL E 244 12.97 -16.09 32.31
CA VAL E 244 12.90 -16.88 33.52
C VAL E 244 13.79 -16.27 34.59
N ARG E 245 13.18 -15.63 35.60
CA ARG E 245 13.96 -15.08 36.73
C ARG E 245 14.61 -16.22 37.56
N PRO E 246 15.93 -16.15 37.78
CA PRO E 246 16.64 -17.14 38.63
C PRO E 246 16.38 -16.89 40.10
N PRO E 247 16.45 -17.95 40.95
CA PRO E 247 16.18 -17.81 42.39
C PRO E 247 17.03 -16.74 43.08
N HIS E 248 16.49 -16.10 44.12
CA HIS E 248 17.31 -15.24 45.00
C HIS E 248 18.34 -16.12 45.74
N SER E 249 19.15 -15.49 46.57
CA SER E 249 20.27 -16.16 47.24
C SER E 249 20.39 -15.81 48.74
N PHE E 250 19.40 -15.07 49.25
CA PHE E 250 19.23 -14.84 50.68
C PHE E 250 19.21 -16.18 51.41
N LEU E 251 19.91 -16.24 52.55
CA LEU E 251 19.88 -17.42 53.39
C LEU E 251 19.22 -17.09 54.72
N VAL E 252 18.63 -18.08 55.36
CA VAL E 252 18.13 -17.97 56.71
C VAL E 252 19.18 -17.33 57.65
N ASN E 253 18.71 -16.40 58.49
CA ASN E 253 19.47 -15.69 59.55
C ASN E 253 20.18 -14.42 59.15
N MET E 254 20.41 -14.24 57.84
CA MET E 254 20.85 -12.96 57.28
C MET E 254 19.98 -11.78 57.73
N LYS E 255 20.62 -10.67 58.10
CA LYS E 255 19.94 -9.50 58.65
C LYS E 255 19.82 -8.34 57.66
N LEU E 256 18.75 -7.57 57.76
CA LEU E 256 18.47 -6.52 56.80
C LEU E 256 17.60 -5.45 57.48
N GLU E 257 17.14 -4.46 56.70
CA GLU E 257 16.19 -3.46 57.19
C GLU E 257 14.89 -3.64 56.45
N ALA E 258 13.79 -3.63 57.17
CA ALA E 258 12.50 -3.76 56.50
C ALA E 258 11.45 -2.79 57.04
N VAL E 259 10.66 -2.24 56.14
CA VAL E 259 9.45 -1.47 56.48
C VAL E 259 8.48 -2.34 57.29
N ASP E 260 8.02 -1.78 58.41
CA ASP E 260 6.97 -2.38 59.23
C ASP E 260 5.59 -2.25 58.56
N ARG E 261 4.90 -3.34 58.30
CA ARG E 261 3.60 -3.21 57.65
C ARG E 261 2.48 -2.66 58.53
N ARG E 262 2.66 -2.75 59.84
CA ARG E 262 1.67 -2.19 60.80
C ARG E 262 1.80 -0.69 61.01
N ASN E 263 3.01 -0.17 60.84
CA ASN E 263 3.29 1.27 60.76
C ASN E 263 4.38 1.52 59.71
N PRO E 264 3.95 1.73 58.46
CA PRO E 264 4.91 1.89 57.35
C PRO E 264 5.81 3.12 57.36
N ALA E 265 5.53 4.08 58.26
CA ALA E 265 6.46 5.19 58.54
C ALA E 265 7.78 4.64 59.12
N LEU E 266 7.72 3.45 59.75
CA LEU E 266 8.86 2.86 60.48
C LEU E 266 9.60 1.75 59.69
N ILE E 267 10.92 1.75 59.82
CA ILE E 267 11.79 0.70 59.29
C ILE E 267 12.54 0.08 60.48
N ARG E 268 12.53 -1.25 60.52
CA ARG E 268 13.08 -1.99 61.65
C ARG E 268 14.19 -2.93 61.18
N VAL E 269 15.05 -3.26 62.13
CA VAL E 269 16.01 -4.34 62.03
C VAL E 269 15.23 -5.64 61.83
N ALA E 270 15.62 -6.38 60.80
CA ALA E 270 14.84 -7.52 60.36
C ALA E 270 15.81 -8.69 60.11
N SER E 271 15.28 -9.92 60.14
CA SER E 271 16.04 -11.19 59.92
C SER E 271 15.36 -12.06 58.89
N VAL E 272 16.15 -12.75 58.05
CA VAL E 272 15.55 -13.72 57.16
C VAL E 272 15.27 -15.02 57.97
N GLU E 273 14.00 -15.38 58.03
CA GLU E 273 13.45 -16.44 58.90
C GLU E 273 13.18 -17.73 58.12
N ASP E 274 12.96 -17.59 56.81
CA ASP E 274 12.71 -18.74 55.96
C ASP E 274 12.87 -18.32 54.51
N VAL E 275 13.11 -19.28 53.61
CA VAL E 275 13.31 -18.97 52.19
C VAL E 275 12.48 -19.82 51.22
N GLU E 276 12.30 -19.31 50.01
CA GLU E 276 11.78 -20.08 48.86
C GLU E 276 12.54 -19.57 47.63
N ASP E 277 12.17 -20.05 46.44
CA ASP E 277 12.77 -19.59 45.18
C ASP E 277 12.76 -18.07 45.01
N HIS E 278 11.62 -17.45 45.30
CA HIS E 278 11.44 -16.04 44.99
C HIS E 278 10.98 -15.18 46.15
N ARG E 279 10.74 -15.81 47.30
CA ARG E 279 10.26 -15.10 48.49
C ARG E 279 11.17 -15.35 49.68
N ILE E 280 11.19 -14.40 50.61
CA ILE E 280 11.81 -14.62 51.94
C ILE E 280 10.77 -14.29 53.02
N LYS E 281 10.88 -14.96 54.16
CA LYS E 281 10.06 -14.68 55.32
C LYS E 281 10.84 -13.77 56.26
N ILE E 282 10.28 -12.58 56.54
CA ILE E 282 10.89 -11.56 57.42
C ILE E 282 10.44 -11.69 58.89
N HIS E 283 11.38 -11.57 59.81
CA HIS E 283 11.06 -11.46 61.22
C HIS E 283 11.64 -10.15 61.75
N PHE E 284 10.86 -9.42 62.54
CA PHE E 284 11.39 -8.20 63.17
C PHE E 284 12.06 -8.52 64.51
N ASP E 285 13.38 -8.35 64.60
CA ASP E 285 14.15 -8.72 65.83
C ASP E 285 13.62 -8.11 67.15
N GLY E 286 13.42 -8.96 68.16
CA GLY E 286 12.94 -8.51 69.47
C GLY E 286 11.43 -8.53 69.64
N TRP E 287 10.69 -8.69 68.53
CA TRP E 287 9.23 -8.68 68.55
C TRP E 287 8.64 -10.09 68.35
N SER E 288 7.31 -10.18 68.45
CA SER E 288 6.61 -11.49 68.34
C SER E 288 6.70 -12.12 66.92
N HIS E 289 6.80 -13.44 66.89
CA HIS E 289 6.90 -14.21 65.65
C HIS E 289 5.57 -14.28 64.92
N GLY E 290 4.50 -13.98 65.66
CA GLY E 290 3.15 -13.95 65.12
C GLY E 290 3.03 -12.95 63.98
N TYR E 291 3.89 -11.93 64.00
CA TYR E 291 3.81 -10.92 62.97
C TYR E 291 4.79 -11.12 61.82
N ASP E 292 5.47 -12.26 61.76
CA ASP E 292 6.37 -12.58 60.64
C ASP E 292 5.59 -12.68 59.31
N PHE E 293 6.23 -12.37 58.21
CA PHE E 293 5.52 -12.35 56.93
C PHE E 293 6.45 -12.67 55.77
N TRP E 294 5.84 -13.24 54.73
CA TRP E 294 6.48 -13.51 53.46
C TRP E 294 6.39 -12.31 52.53
N ILE E 295 7.45 -12.13 51.75
CA ILE E 295 7.57 -10.98 50.87
C ILE E 295 8.47 -11.41 49.69
N ASP E 296 8.13 -10.95 48.50
CA ASP E 296 8.99 -11.14 47.33
C ASP E 296 10.35 -10.53 47.56
N ALA E 297 11.39 -11.23 47.10
CA ALA E 297 12.76 -10.81 47.32
C ALA E 297 13.09 -9.50 46.62
N ASP E 298 12.32 -9.14 45.60
CA ASP E 298 12.55 -7.86 44.91
C ASP E 298 11.59 -6.77 45.42
N HIS E 299 11.01 -6.96 46.61
CA HIS E 299 10.05 -5.99 47.07
C HIS E 299 10.77 -4.70 47.48
N PRO E 300 10.25 -3.55 47.02
CA PRO E 300 10.83 -2.23 47.25
C PRO E 300 10.98 -1.81 48.73
N ASP E 301 10.31 -2.50 49.67
CA ASP E 301 10.37 -2.19 51.10
C ASP E 301 11.31 -3.09 51.94
N ILE E 302 12.25 -3.77 51.29
CA ILE E 302 13.36 -4.45 52.00
C ILE E 302 14.71 -3.92 51.51
N HIS E 303 15.67 -3.78 52.42
CA HIS E 303 16.89 -3.00 52.11
C HIS E 303 18.05 -3.57 52.83
N PRO E 304 19.27 -3.37 52.27
CA PRO E 304 20.43 -3.83 53.02
C PRO E 304 20.63 -3.03 54.32
N ALA E 305 21.22 -3.69 55.32
CA ALA E 305 21.78 -3.02 56.49
C ALA E 305 22.51 -1.75 56.07
N GLY E 306 22.16 -0.64 56.71
CA GLY E 306 22.88 0.61 56.49
C GLY E 306 22.10 1.54 55.57
N TRP E 307 21.03 1.04 54.96
CA TRP E 307 20.19 1.86 54.06
C TRP E 307 19.62 3.08 54.77
N CYS E 308 19.06 2.86 55.95
CA CYS E 308 18.51 3.96 56.78
C CYS E 308 19.50 5.08 57.09
N SER E 309 20.67 4.69 57.59
CA SER E 309 21.70 5.64 57.99
C SER E 309 22.19 6.46 56.80
N LYS E 310 22.38 5.79 55.67
CA LYS E 310 22.95 6.41 54.49
C LYS E 310 21.95 7.28 53.73
N THR E 311 20.65 7.02 53.89
CA THR E 311 19.60 7.84 53.28
C THR E 311 18.97 8.91 54.22
N GLY E 312 19.35 8.94 55.50
CA GLY E 312 18.78 9.89 56.46
C GLY E 312 17.42 9.48 57.03
N HIS E 313 17.12 8.20 57.03
CA HIS E 313 15.87 7.72 57.63
C HIS E 313 16.15 7.14 59.04
N PRO E 314 15.31 7.44 60.07
CA PRO E 314 15.58 6.62 61.32
C PRO E 314 15.35 5.09 61.19
N LEU E 315 16.19 4.33 61.87
CA LEU E 315 16.06 2.88 61.97
C LEU E 315 15.65 2.52 63.39
N GLN E 316 14.63 1.69 63.49
CA GLN E 316 14.21 1.16 64.78
C GLN E 316 15.07 -0.04 65.15
N PRO E 317 15.80 0.06 66.28
CA PRO E 317 16.58 -1.09 66.68
C PRO E 317 15.59 -2.11 67.29
N PRO E 318 16.05 -3.38 67.50
CA PRO E 318 15.21 -4.44 68.04
C PRO E 318 14.55 -4.04 69.37
N LEU E 319 13.36 -4.56 69.62
CA LEU E 319 12.72 -4.32 70.89
C LEU E 319 13.64 -4.76 72.07
N GLY E 320 13.79 -3.86 73.05
CA GLY E 320 14.66 -4.00 74.24
C GLY E 320 14.98 -5.39 74.75
N PRO E 321 16.19 -5.55 75.38
CA PRO E 321 16.74 -6.84 75.86
C PRO E 321 16.23 -7.23 77.25
#